data_7POL
#
_entry.id   7POL
#
_cell.length_a   84.02
_cell.length_b   84.02
_cell.length_c   267.27
_cell.angle_alpha   90
_cell.angle_beta   90
_cell.angle_gamma   90
#
_symmetry.space_group_name_H-M   'P 41 21 2'
#
loop_
_entity.id
_entity.type
_entity.pdbx_description
1 polymer BFT-3
2 non-polymer 'ZINC ION'
3 non-polymer '(12~{R})-7-fluoranyl-12-methyl-4-oxidanylidene-1-azatricyclo[7.3.1.0^{5,13}]trideca-2,5(13),6,8-tetraene-3-carboxylic acid'
4 non-polymer 'CHLORIDE ION'
5 non-polymer PROLINE
6 non-polymer 'DIMETHYL SULFOXIDE'
7 water water
#
_entity_poly.entity_id   1
_entity_poly.type   'polypeptide(L)'
_entity_poly.pdbx_seq_one_letter_code
;MGSSHHHHHHSSGENLYFQGAMACSNEADSLTTSIDAPVTASIDLQSVSYTDLATQLNDVSDFGKMIILKDNGFNRQVHV
SMDKRTKIQLDNENVRLFNGRDKDSTNFILGDEFAVLRFYRNGESISYIAYKEAQMMNEIAEFYAAPFKKTRAINEKEAF
ECIYDSRTRSAGKYPVSVKINVDKAKKILNLPECDYINDYIKTPQVPHGITESQTRAVPSEPKTVYVICLRENGSTVYPN
EVSAQMQDAANSVYAVHGLKRYVNLHFVLYTTEYACPSGNADEGLDGFTASLKANPKAEGYDDQIYFLIRWGTWDNNILG
ISWLNSYNVNTASDFKASGMSTTQLMYPGVMAHELGHILGANHADDPKDLMYSKYTGYLFHLSEKNMDIIAKNLGWEIAD
GD
;
_entity_poly.pdbx_strand_id   A,B
#
# COMPACT_ATOMS: atom_id res chain seq x y z
N VAL A 39 0.76 3.77 -27.40
CA VAL A 39 0.26 2.59 -26.71
C VAL A 39 1.12 2.28 -25.48
N THR A 40 2.44 2.61 -25.51
CA THR A 40 3.28 2.39 -24.34
C THR A 40 3.02 3.53 -23.34
N ALA A 41 2.83 3.15 -22.08
CA ALA A 41 2.65 4.05 -20.93
C ALA A 41 3.85 4.99 -20.80
N SER A 42 3.63 6.28 -20.47
CA SER A 42 4.75 7.21 -20.35
C SER A 42 4.54 8.23 -19.24
N ILE A 43 5.66 8.74 -18.73
CA ILE A 43 5.70 9.76 -17.70
C ILE A 43 6.38 10.99 -18.27
N ASP A 44 5.66 12.11 -18.35
CA ASP A 44 6.20 13.37 -18.86
C ASP A 44 6.82 14.12 -17.70
N LEU A 45 8.15 14.13 -17.63
CA LEU A 45 8.86 14.76 -16.53
C LEU A 45 8.75 16.30 -16.52
N GLN A 46 8.24 16.91 -17.60
CA GLN A 46 8.01 18.36 -17.60
C GLN A 46 6.72 18.71 -16.80
N SER A 47 5.86 17.72 -16.47
CA SER A 47 4.65 18.00 -15.72
C SER A 47 4.28 16.88 -14.73
N VAL A 48 5.22 15.99 -14.40
CA VAL A 48 4.94 14.83 -13.55
C VAL A 48 4.41 15.21 -12.14
N SER A 49 3.24 14.66 -11.78
CA SER A 49 2.61 14.92 -10.49
C SER A 49 2.49 13.60 -9.67
N TYR A 50 1.96 13.67 -8.43
CA TYR A 50 1.76 12.48 -7.64
C TYR A 50 0.77 11.53 -8.35
N THR A 51 -0.32 12.07 -8.90
CA THR A 51 -1.34 11.28 -9.56
C THR A 51 -0.76 10.55 -10.78
N ASP A 52 0.12 11.20 -11.57
CA ASP A 52 0.74 10.57 -12.72
C ASP A 52 1.55 9.36 -12.30
N LEU A 53 2.39 9.52 -11.26
CA LEU A 53 3.23 8.44 -10.76
C LEU A 53 2.39 7.33 -10.09
N ALA A 54 1.38 7.70 -9.28
CA ALA A 54 0.56 6.70 -8.61
C ALA A 54 -0.24 5.86 -9.61
N THR A 55 -0.87 6.46 -10.63
CA THR A 55 -1.70 5.69 -11.56
C THR A 55 -0.84 4.71 -12.39
N GLN A 56 0.36 5.12 -12.79
CA GLN A 56 1.27 4.23 -13.53
C GLN A 56 1.80 3.11 -12.64
N LEU A 57 2.30 3.42 -11.44
CA LEU A 57 2.87 2.42 -10.53
C LEU A 57 1.81 1.46 -9.97
N ASN A 58 0.58 1.96 -9.74
CA ASN A 58 -0.50 1.10 -9.27
C ASN A 58 -0.97 0.12 -10.37
N ASP A 59 -0.62 0.38 -11.64
CA ASP A 59 -0.94 -0.53 -12.75
C ASP A 59 0.16 -1.60 -12.95
N VAL A 60 1.28 -1.53 -12.24
CA VAL A 60 2.35 -2.53 -12.39
C VAL A 60 1.88 -3.86 -11.74
N SER A 61 1.66 -4.87 -12.56
CA SER A 61 1.24 -6.19 -12.09
C SER A 61 2.48 -7.09 -11.81
N ASP A 62 2.26 -8.39 -11.46
CA ASP A 62 3.32 -9.39 -11.18
C ASP A 62 4.30 -9.57 -12.33
N PHE A 63 3.84 -9.35 -13.55
CA PHE A 63 4.67 -9.55 -14.74
C PHE A 63 5.44 -8.28 -15.16
N GLY A 64 5.23 -7.17 -14.48
CA GLY A 64 5.93 -5.94 -14.81
C GLY A 64 5.27 -5.16 -15.92
N LYS A 65 5.79 -3.98 -16.18
CA LYS A 65 5.24 -3.08 -17.17
C LYS A 65 6.31 -2.17 -17.76
N MET A 66 6.28 -1.92 -19.07
CA MET A 66 7.16 -0.95 -19.70
C MET A 66 6.59 0.44 -19.49
N ILE A 67 7.43 1.37 -19.09
CA ILE A 67 7.05 2.76 -18.89
C ILE A 67 8.15 3.62 -19.56
N ILE A 68 7.78 4.59 -20.40
CA ILE A 68 8.76 5.48 -21.01
C ILE A 68 8.89 6.77 -20.20
N LEU A 69 10.11 7.11 -19.79
CA LEU A 69 10.36 8.36 -19.10
C LEU A 69 10.70 9.40 -20.15
N LYS A 70 9.96 10.51 -20.22
CA LYS A 70 10.19 11.54 -21.23
C LYS A 70 10.54 12.88 -20.64
N ASP A 71 11.44 13.60 -21.27
CA ASP A 71 11.74 14.99 -20.94
C ASP A 71 12.35 15.66 -22.20
N ASN A 72 12.62 16.97 -22.15
CA ASN A 72 13.27 17.68 -23.25
C ASN A 72 14.66 17.08 -23.44
N GLY A 73 14.89 16.57 -24.64
CA GLY A 73 16.13 15.89 -24.97
C GLY A 73 16.41 14.61 -24.21
N PHE A 74 15.37 14.01 -23.61
CA PHE A 74 15.56 12.77 -22.84
C PHE A 74 14.46 11.75 -23.06
N ASN A 75 14.84 10.47 -23.14
CA ASN A 75 13.90 9.36 -23.25
CA ASN A 75 13.91 9.36 -23.28
C ASN A 75 14.52 8.09 -22.68
N ARG A 76 13.76 7.31 -21.94
CA ARG A 76 14.26 6.04 -21.40
C ARG A 76 13.12 5.10 -21.25
N GLN A 77 13.17 3.96 -21.90
CA GLN A 77 12.16 2.94 -21.72
C GLN A 77 12.62 2.04 -20.58
N VAL A 78 11.82 1.93 -19.53
CA VAL A 78 12.20 1.11 -18.38
C VAL A 78 11.18 0.00 -18.16
N HIS A 79 11.65 -1.20 -17.81
CA HIS A 79 10.72 -2.27 -17.48
C HIS A 79 10.60 -2.28 -15.95
N VAL A 80 9.46 -1.81 -15.43
CA VAL A 80 9.21 -1.63 -14.02
C VAL A 80 8.57 -2.85 -13.40
N SER A 81 9.08 -3.23 -12.22
CA SER A 81 8.52 -4.36 -11.47
CA SER A 81 8.54 -4.36 -11.47
C SER A 81 8.29 -3.98 -10.02
N MET A 82 7.31 -4.63 -9.38
CA MET A 82 7.08 -4.43 -7.97
C MET A 82 8.27 -5.01 -7.19
N ASP A 83 8.74 -4.33 -6.15
CA ASP A 83 9.76 -4.88 -5.29
C ASP A 83 9.01 -5.76 -4.27
N LYS A 84 9.07 -7.07 -4.44
CA LYS A 84 8.36 -8.00 -3.55
C LYS A 84 9.21 -8.43 -2.34
N ARG A 85 10.47 -7.98 -2.23
CA ARG A 85 11.36 -8.39 -1.15
C ARG A 85 11.30 -7.45 0.06
N THR A 86 11.21 -6.15 -0.18
CA THR A 86 11.23 -5.18 0.91
C THR A 86 9.84 -4.69 1.28
N LYS A 87 9.60 -4.56 2.58
CA LYS A 87 8.39 -3.97 3.10
C LYS A 87 8.79 -2.72 3.90
N ILE A 88 7.96 -1.67 3.83
CA ILE A 88 8.20 -0.43 4.56
C ILE A 88 6.90 0.12 5.16
N GLN A 89 6.91 0.42 6.48
CA GLN A 89 5.87 1.23 7.08
C GLN A 89 6.54 2.44 7.72
N LEU A 90 5.99 3.63 7.49
CA LEU A 90 6.47 4.85 8.15
C LEU A 90 5.32 5.29 9.03
N ASP A 91 5.42 5.09 10.34
CA ASP A 91 4.33 5.42 11.29
C ASP A 91 3.04 4.64 10.86
N ASN A 92 3.21 3.36 10.46
CA ASN A 92 2.19 2.44 10.00
C ASN A 92 1.63 2.77 8.57
N GLU A 93 2.18 3.76 7.86
CA GLU A 93 1.76 4.07 6.49
C GLU A 93 2.55 3.18 5.53
N ASN A 94 1.87 2.39 4.71
CA ASN A 94 2.54 1.48 3.80
C ASN A 94 3.22 2.19 2.62
N VAL A 95 4.49 1.84 2.38
CA VAL A 95 5.29 2.41 1.29
C VAL A 95 5.80 1.27 0.42
N ARG A 96 5.48 1.32 -0.88
CA ARG A 96 5.87 0.28 -1.84
C ARG A 96 7.03 0.74 -2.72
N LEU A 97 7.92 -0.21 -3.02
CA LEU A 97 9.08 0.06 -3.85
C LEU A 97 8.92 -0.62 -5.21
N PHE A 98 9.55 -0.01 -6.22
CA PHE A 98 9.52 -0.51 -7.59
C PHE A 98 10.93 -0.42 -8.18
N ASN A 99 11.26 -1.40 -9.01
CA ASN A 99 12.57 -1.46 -9.63
C ASN A 99 12.50 -1.50 -11.14
N GLY A 100 13.48 -0.92 -11.78
CA GLY A 100 13.66 -1.12 -13.21
C GLY A 100 14.61 -2.30 -13.38
N ARG A 101 14.96 -2.65 -14.61
CA ARG A 101 16.00 -3.65 -14.85
C ARG A 101 17.37 -3.04 -14.41
N ASP A 102 18.43 -3.86 -14.26
CA ASP A 102 19.75 -3.32 -13.88
C ASP A 102 20.21 -2.21 -14.86
N LYS A 103 20.02 -2.43 -16.18
CA LYS A 103 20.43 -1.45 -17.19
C LYS A 103 19.56 -0.18 -17.21
N ASP A 104 18.37 -0.20 -16.59
CA ASP A 104 17.51 0.98 -16.55
C ASP A 104 17.99 2.02 -15.52
N SER A 105 18.75 1.59 -14.48
CA SER A 105 19.23 2.45 -13.38
C SER A 105 18.10 3.35 -12.84
N THR A 106 16.94 2.75 -12.60
CA THR A 106 15.73 3.46 -12.19
C THR A 106 15.02 2.76 -11.01
N ASN A 107 14.58 3.53 -10.03
CA ASN A 107 13.80 3.03 -8.89
C ASN A 107 12.61 3.97 -8.63
N PHE A 108 11.57 3.45 -8.00
CA PHE A 108 10.43 4.26 -7.59
C PHE A 108 10.04 3.93 -6.16
N ILE A 109 9.36 4.89 -5.53
CA ILE A 109 8.80 4.77 -4.21
C ILE A 109 7.36 5.28 -4.28
N LEU A 110 6.42 4.56 -3.65
CA LEU A 110 5.05 5.01 -3.66
C LEU A 110 4.38 4.78 -2.31
N GLY A 111 3.95 5.88 -1.73
CA GLY A 111 3.12 5.89 -0.53
C GLY A 111 1.79 6.53 -0.89
N ASP A 112 0.84 6.52 0.02
CA ASP A 112 -0.43 7.25 -0.18
C ASP A 112 -0.17 8.79 -0.25
N GLU A 113 0.87 9.29 0.43
CA GLU A 113 1.11 10.73 0.51
C GLU A 113 2.15 11.28 -0.43
N PHE A 114 2.99 10.40 -0.99
CA PHE A 114 4.09 10.87 -1.85
C PHE A 114 4.54 9.78 -2.80
N ALA A 115 5.26 10.19 -3.84
CA ALA A 115 5.85 9.30 -4.83
C ALA A 115 7.23 9.85 -5.24
N VAL A 116 8.15 8.94 -5.49
CA VAL A 116 9.49 9.31 -5.93
C VAL A 116 9.86 8.51 -7.16
N LEU A 117 10.46 9.18 -8.13
CA LEU A 117 11.12 8.54 -9.26
C LEU A 117 12.59 8.91 -9.10
N ARG A 118 13.50 7.95 -9.10
CA ARG A 118 14.91 8.26 -9.04
C ARG A 118 15.64 7.48 -10.15
N PHE A 119 16.44 8.17 -10.96
CA PHE A 119 17.20 7.51 -12.04
C PHE A 119 18.57 8.14 -12.21
N TYR A 120 19.52 7.41 -12.81
CA TYR A 120 20.86 7.94 -13.06
C TYR A 120 20.99 8.34 -14.49
N ARG A 121 21.54 9.52 -14.74
CA ARG A 121 21.77 9.97 -16.09
C ARG A 121 23.14 10.62 -16.15
N ASN A 122 24.03 10.05 -16.99
CA ASN A 122 25.41 10.51 -17.14
C ASN A 122 26.10 10.58 -15.77
N GLY A 123 25.91 9.52 -15.00
CA GLY A 123 26.49 9.34 -13.67
C GLY A 123 25.96 10.24 -12.58
N GLU A 124 24.78 10.84 -12.77
CA GLU A 124 24.21 11.76 -11.80
C GLU A 124 22.86 11.24 -11.35
N SER A 125 22.61 11.34 -10.06
CA SER A 125 21.35 10.87 -9.48
C SER A 125 20.32 11.95 -9.56
N ILE A 126 19.19 11.65 -10.22
CA ILE A 126 18.12 12.64 -10.40
C ILE A 126 16.84 12.13 -9.76
N SER A 127 16.26 12.90 -8.83
CA SER A 127 15.01 12.52 -8.21
C SER A 127 13.87 13.46 -8.55
N TYR A 128 12.70 12.89 -8.80
CA TYR A 128 11.45 13.61 -9.00
C TYR A 128 10.61 13.25 -7.79
N ILE A 129 10.31 14.25 -6.95
CA ILE A 129 9.59 14.02 -5.69
C ILE A 129 8.25 14.68 -5.76
N ALA A 130 7.16 13.92 -5.58
CA ALA A 130 5.82 14.48 -5.72
C ALA A 130 4.95 14.11 -4.55
N TYR A 131 4.40 15.10 -3.86
CA TYR A 131 3.51 14.87 -2.73
C TYR A 131 2.08 15.04 -3.20
N LYS A 132 1.17 14.18 -2.70
CA LYS A 132 -0.23 14.22 -3.11
C LYS A 132 -0.96 15.53 -2.71
N GLU A 133 -0.87 15.94 -1.44
CA GLU A 133 -1.58 17.11 -0.95
C GLU A 133 -0.92 18.39 -1.40
N ALA A 134 -1.72 19.38 -1.81
CA ALA A 134 -1.19 20.65 -2.30
C ALA A 134 -0.40 21.37 -1.20
N GLN A 135 -0.92 21.42 0.07
CA GLN A 135 -0.19 22.08 1.16
C GLN A 135 1.16 21.43 1.39
N MET A 136 1.21 20.08 1.40
CA MET A 136 2.45 19.37 1.65
C MET A 136 3.43 19.55 0.48
N MET A 137 2.93 19.53 -0.76
CA MET A 137 3.79 19.75 -1.92
C MET A 137 4.39 21.15 -1.89
N ASN A 138 3.59 22.15 -1.50
CA ASN A 138 4.08 23.53 -1.41
C ASN A 138 5.17 23.64 -0.33
N GLU A 139 4.96 23.02 0.83
CA GLU A 139 5.93 22.99 1.94
C GLU A 139 7.25 22.30 1.52
N ILE A 140 7.14 21.16 0.82
CA ILE A 140 8.31 20.41 0.34
C ILE A 140 9.07 21.22 -0.72
N ALA A 141 8.35 21.87 -1.65
CA ALA A 141 9.02 22.67 -2.69
C ALA A 141 9.79 23.84 -2.05
N GLU A 142 9.20 24.50 -1.03
CA GLU A 142 9.89 25.58 -0.34
C GLU A 142 11.11 25.07 0.45
N PHE A 143 10.96 23.91 1.10
CA PHE A 143 12.03 23.28 1.86
C PHE A 143 13.25 23.00 0.96
N TYR A 144 13.04 22.41 -0.23
CA TYR A 144 14.15 22.14 -1.14
C TYR A 144 14.68 23.38 -1.84
N ALA A 145 13.84 24.41 -2.06
CA ALA A 145 14.27 25.65 -2.75
C ALA A 145 15.09 26.56 -1.85
N ALA A 146 14.76 26.64 -0.54
CA ALA A 146 15.43 27.53 0.41
C ALA A 146 16.98 27.52 0.35
N PRO A 147 17.70 26.37 0.30
CA PRO A 147 19.18 26.45 0.23
C PRO A 147 19.71 27.12 -1.03
N PHE A 148 18.94 27.10 -2.12
CA PHE A 148 19.37 27.71 -3.38
C PHE A 148 19.13 29.23 -3.39
N LYS A 149 18.00 29.70 -2.81
CA LYS A 149 17.66 31.12 -2.82
C LYS A 149 18.76 31.98 -2.18
N LYS A 150 19.44 31.44 -1.17
CA LYS A 150 20.54 32.15 -0.52
C LYS A 150 21.72 32.32 -1.49
N THR A 151 22.10 31.25 -2.21
CA THR A 151 23.22 31.26 -3.17
C THR A 151 22.70 31.13 -4.61
N ARG A 152 22.47 32.26 -5.29
CA ARG A 152 21.92 32.23 -6.64
C ARG A 152 22.98 31.82 -7.68
N ALA A 153 22.87 30.57 -8.18
CA ALA A 153 23.78 30.10 -9.22
C ALA A 153 23.17 30.29 -10.60
N ILE A 154 24.04 30.41 -11.63
CA ILE A 154 23.61 30.62 -13.00
C ILE A 154 22.74 29.44 -13.49
N ASN A 155 23.26 28.18 -13.47
CA ASN A 155 22.44 27.06 -13.94
C ASN A 155 21.81 26.30 -12.76
N GLU A 156 20.95 27.00 -12.01
CA GLU A 156 20.27 26.40 -10.89
C GLU A 156 19.23 25.37 -11.36
N LYS A 157 18.58 25.61 -12.52
CA LYS A 157 17.55 24.75 -13.10
C LYS A 157 17.98 23.29 -13.26
N GLU A 158 19.23 23.04 -13.67
CA GLU A 158 19.72 21.68 -13.86
C GLU A 158 19.93 20.95 -12.50
N ALA A 159 20.08 21.69 -11.40
CA ALA A 159 20.26 21.11 -10.08
C ALA A 159 18.92 20.99 -9.34
N PHE A 160 18.08 22.02 -9.44
CA PHE A 160 16.81 22.08 -8.75
C PHE A 160 15.77 22.79 -9.60
N GLU A 161 14.57 22.22 -9.67
CA GLU A 161 13.50 22.82 -10.43
C GLU A 161 12.12 22.41 -9.90
N CYS A 162 11.25 23.39 -9.72
CA CYS A 162 9.85 23.16 -9.39
C CYS A 162 9.14 22.83 -10.66
N ILE A 163 8.43 21.71 -10.68
CA ILE A 163 7.70 21.27 -11.87
C ILE A 163 6.24 21.70 -11.72
N TYR A 164 5.64 22.23 -12.78
CA TYR A 164 4.25 22.67 -12.76
C TYR A 164 3.41 21.89 -13.79
N ASP A 165 2.09 21.89 -13.61
CA ASP A 165 1.21 21.16 -14.52
C ASP A 165 1.13 21.92 -15.89
N SER A 166 1.00 21.17 -17.00
CA SER A 166 0.98 21.71 -18.36
C SER A 166 -0.26 22.58 -18.67
N ARG A 167 -1.47 22.08 -18.41
CA ARG A 167 -2.69 22.84 -18.70
C ARG A 167 -2.83 24.03 -17.75
N LYS A 173 -0.39 29.41 -9.61
CA LYS A 173 -0.03 28.04 -9.97
C LYS A 173 0.97 27.47 -8.96
N TYR A 174 0.67 26.28 -8.46
CA TYR A 174 1.50 25.61 -7.45
C TYR A 174 2.17 24.37 -8.06
N PRO A 175 3.38 24.04 -7.58
CA PRO A 175 4.11 22.91 -8.16
C PRO A 175 3.44 21.56 -7.89
N VAL A 176 3.61 20.64 -8.83
CA VAL A 176 3.11 19.28 -8.76
C VAL A 176 4.24 18.30 -8.34
N SER A 177 5.51 18.73 -8.46
CA SER A 177 6.68 17.93 -8.06
C SER A 177 7.93 18.82 -8.04
N VAL A 178 9.03 18.27 -7.56
CA VAL A 178 10.33 18.95 -7.64
C VAL A 178 11.32 17.97 -8.24
N LYS A 179 12.25 18.49 -9.00
CA LYS A 179 13.35 17.76 -9.61
C LYS A 179 14.62 18.19 -8.88
N ILE A 180 15.40 17.22 -8.43
CA ILE A 180 16.66 17.51 -7.77
C ILE A 180 17.73 16.59 -8.35
N ASN A 181 18.78 17.19 -8.91
CA ASN A 181 19.97 16.49 -9.36
C ASN A 181 20.97 16.72 -8.25
N VAL A 182 21.15 15.73 -7.37
CA VAL A 182 21.99 15.82 -6.18
C VAL A 182 23.44 16.17 -6.50
N ASP A 183 23.99 15.55 -7.55
CA ASP A 183 25.38 15.82 -7.97
C ASP A 183 25.56 17.27 -8.42
N LYS A 184 24.57 17.84 -9.14
CA LYS A 184 24.66 19.24 -9.57
C LYS A 184 24.40 20.19 -8.40
N ALA A 185 23.47 19.82 -7.50
CA ALA A 185 23.12 20.62 -6.33
C ALA A 185 24.32 20.80 -5.41
N LYS A 186 25.11 19.74 -5.20
CA LYS A 186 26.28 19.83 -4.35
C LYS A 186 27.33 20.79 -4.91
N LYS A 187 27.48 20.87 -6.24
CA LYS A 187 28.45 21.78 -6.84
C LYS A 187 27.98 23.25 -6.80
N ILE A 188 26.67 23.48 -6.77
CA ILE A 188 26.13 24.84 -6.70
C ILE A 188 26.18 25.33 -5.25
N LEU A 189 25.76 24.49 -4.30
CA LEU A 189 25.76 24.88 -2.89
C LEU A 189 27.18 24.82 -2.27
N ASN A 190 27.44 25.61 -1.22
CA ASN A 190 28.72 25.55 -0.51
C ASN A 190 28.50 24.65 0.70
N LEU A 191 28.20 23.35 0.48
CA LEU A 191 27.99 22.45 1.61
C LEU A 191 29.32 22.07 2.24
N PRO A 192 29.33 21.88 3.58
CA PRO A 192 30.56 21.38 4.21
C PRO A 192 30.80 19.92 3.80
N GLU A 193 32.07 19.46 3.83
CA GLU A 193 32.36 18.07 3.43
C GLU A 193 31.95 17.11 4.54
N CYS A 194 30.80 16.46 4.34
CA CYS A 194 30.28 15.49 5.29
C CYS A 194 30.87 14.14 4.97
N ASP A 195 31.37 13.45 5.98
CA ASP A 195 32.03 12.16 5.81
C ASP A 195 31.71 11.19 6.97
N TYR A 196 32.35 10.04 6.97
CA TYR A 196 32.27 9.05 8.03
C TYR A 196 33.48 9.22 8.98
N ILE A 197 33.45 8.61 10.17
CA ILE A 197 34.58 8.72 11.10
C ILE A 197 35.71 7.81 10.62
N ASN A 198 36.94 8.33 10.61
CA ASN A 198 38.13 7.57 10.20
C ASN A 198 38.59 6.65 11.34
N PRO A 219 17.46 -21.60 2.86
CA PRO A 219 16.13 -21.84 3.41
C PRO A 219 15.03 -21.83 2.35
N SER A 220 13.91 -22.53 2.61
CA SER A 220 12.76 -22.59 1.70
C SER A 220 12.12 -21.19 1.56
N GLU A 221 12.09 -20.44 2.67
CA GLU A 221 11.59 -19.07 2.72
C GLU A 221 12.67 -18.17 3.26
N PRO A 222 12.84 -16.95 2.72
CA PRO A 222 13.83 -16.03 3.30
C PRO A 222 13.44 -15.66 4.74
N LYS A 223 14.43 -15.36 5.55
CA LYS A 223 14.20 -14.91 6.92
C LYS A 223 13.80 -13.44 6.88
N THR A 224 12.72 -13.08 7.60
CA THR A 224 12.33 -11.67 7.70
C THR A 224 13.19 -11.00 8.77
N VAL A 225 13.87 -9.93 8.41
CA VAL A 225 14.65 -9.16 9.36
C VAL A 225 14.08 -7.75 9.39
N TYR A 226 13.64 -7.31 10.57
CA TYR A 226 13.12 -5.97 10.72
C TYR A 226 14.27 -4.98 10.93
N VAL A 227 14.17 -3.84 10.28
CA VAL A 227 15.06 -2.69 10.44
C VAL A 227 14.17 -1.61 11.07
N ILE A 228 14.29 -1.44 12.37
CA ILE A 228 13.48 -0.52 13.14
C ILE A 228 14.17 0.82 13.22
N CYS A 229 13.60 1.78 12.53
CA CYS A 229 14.11 3.14 12.46
C CYS A 229 13.34 3.99 13.40
N LEU A 230 14.06 4.78 14.19
CA LEU A 230 13.45 5.59 15.20
C LEU A 230 13.80 7.05 14.97
N ARG A 231 12.77 7.84 14.78
CA ARG A 231 12.86 9.27 14.59
C ARG A 231 13.28 9.89 15.92
N GLU A 232 14.48 10.47 15.94
CA GLU A 232 15.01 11.09 17.14
C GLU A 232 14.09 12.19 17.66
N ASN A 233 13.94 12.27 19.00
CA ASN A 233 13.10 13.27 19.65
C ASN A 233 13.58 14.69 19.24
N GLY A 234 12.67 15.53 18.75
CA GLY A 234 13.04 16.88 18.31
C GLY A 234 13.50 16.97 16.86
N SER A 235 13.54 15.84 16.15
CA SER A 235 13.96 15.84 14.75
C SER A 235 12.75 15.80 13.83
N THR A 236 12.92 16.35 12.63
CA THR A 236 11.91 16.28 11.60
C THR A 236 12.50 15.57 10.41
N VAL A 237 11.87 14.48 9.98
CA VAL A 237 12.33 13.75 8.80
C VAL A 237 11.20 13.76 7.75
N TYR A 238 11.57 13.70 6.48
CA TYR A 238 10.59 13.71 5.40
C TYR A 238 10.44 12.28 4.85
N PRO A 239 9.20 11.87 4.57
CA PRO A 239 8.98 10.46 4.14
C PRO A 239 9.71 10.09 2.84
N ASN A 240 9.80 11.00 1.85
CA ASN A 240 10.53 10.68 0.61
C ASN A 240 12.01 10.42 0.90
N GLU A 241 12.59 11.16 1.87
CA GLU A 241 14.00 11.08 2.22
C GLU A 241 14.31 9.81 2.98
N VAL A 242 13.48 9.48 3.97
CA VAL A 242 13.68 8.28 4.76
C VAL A 242 13.53 7.03 3.88
N SER A 243 12.47 6.99 3.06
CA SER A 243 12.23 5.82 2.22
CA SER A 243 12.21 5.85 2.17
C SER A 243 13.36 5.64 1.19
N ALA A 244 13.96 6.75 0.66
CA ALA A 244 15.06 6.61 -0.30
C ALA A 244 16.28 5.95 0.37
N GLN A 245 16.59 6.33 1.61
CA GLN A 245 17.69 5.70 2.38
C GLN A 245 17.42 4.19 2.61
N MET A 246 16.17 3.84 2.96
CA MET A 246 15.78 2.45 3.19
C MET A 246 15.87 1.64 1.90
N GLN A 247 15.34 2.18 0.79
CA GLN A 247 15.41 1.50 -0.51
C GLN A 247 16.88 1.23 -0.91
N ASP A 248 17.74 2.26 -0.78
CA ASP A 248 19.13 2.10 -1.15
C ASP A 248 19.82 1.07 -0.24
N ALA A 249 19.51 1.08 1.07
CA ALA A 249 20.09 0.11 2.00
C ALA A 249 19.67 -1.34 1.64
N ALA A 250 18.37 -1.58 1.43
CA ALA A 250 17.91 -2.92 1.09
C ALA A 250 18.50 -3.40 -0.25
N ASN A 251 18.56 -2.51 -1.27
CA ASN A 251 19.10 -2.90 -2.57
C ASN A 251 20.61 -3.15 -2.53
N SER A 252 21.34 -2.50 -1.61
CA SER A 252 22.76 -2.79 -1.46
C SER A 252 22.98 -4.23 -0.94
N VAL A 253 22.02 -4.75 -0.15
CA VAL A 253 22.12 -6.10 0.38
C VAL A 253 21.71 -7.14 -0.68
N TYR A 254 20.54 -6.95 -1.32
CA TYR A 254 20.07 -7.93 -2.32
C TYR A 254 20.98 -8.05 -3.53
N ALA A 255 21.75 -6.99 -3.86
CA ALA A 255 22.69 -7.00 -4.98
C ALA A 255 23.83 -8.02 -4.76
N VAL A 256 24.08 -8.42 -3.50
CA VAL A 256 25.16 -9.33 -3.16
C VAL A 256 24.70 -10.80 -3.05
N HIS A 257 25.42 -11.72 -3.69
CA HIS A 257 25.26 -13.18 -3.62
C HIS A 257 23.80 -13.70 -3.59
N GLY A 258 22.90 -13.10 -4.36
CA GLY A 258 21.49 -13.52 -4.41
C GLY A 258 20.86 -13.59 -3.02
N LEU A 259 21.19 -12.61 -2.16
CA LEU A 259 20.78 -12.60 -0.77
C LEU A 259 19.27 -12.49 -0.56
N LYS A 260 18.47 -12.21 -1.61
CA LYS A 260 17.01 -12.22 -1.45
C LYS A 260 16.50 -13.65 -1.09
N ARG A 261 17.29 -14.70 -1.36
CA ARG A 261 16.93 -16.06 -0.98
C ARG A 261 17.02 -16.29 0.56
N TYR A 262 17.84 -15.48 1.23
CA TYR A 262 18.12 -15.63 2.66
C TYR A 262 17.42 -14.63 3.52
N VAL A 263 17.23 -13.40 3.04
CA VAL A 263 16.64 -12.36 3.84
C VAL A 263 15.68 -11.48 3.03
N ASN A 264 14.64 -11.01 3.71
CA ASN A 264 13.70 -10.01 3.24
C ASN A 264 13.69 -8.94 4.32
N LEU A 265 14.07 -7.71 3.97
CA LEU A 265 14.15 -6.64 4.95
C LEU A 265 12.81 -5.93 5.12
N HIS A 266 12.38 -5.73 6.37
CA HIS A 266 11.14 -5.04 6.66
C HIS A 266 11.46 -3.82 7.51
N PHE A 267 11.35 -2.64 6.91
CA PHE A 267 11.62 -1.40 7.60
C PHE A 267 10.37 -0.85 8.25
N VAL A 268 10.50 -0.36 9.48
CA VAL A 268 9.41 0.31 10.19
C VAL A 268 9.97 1.61 10.77
N LEU A 269 9.13 2.64 10.89
CA LEU A 269 9.55 3.91 11.46
C LEU A 269 8.59 4.29 12.54
N TYR A 270 9.14 4.60 13.72
CA TYR A 270 8.41 5.11 14.89
C TYR A 270 9.16 6.32 15.46
N THR A 271 8.54 7.04 16.39
CA THR A 271 9.22 8.13 17.08
C THR A 271 9.77 7.59 18.39
N THR A 272 10.97 8.02 18.81
CA THR A 272 11.49 7.64 20.11
C THR A 272 11.61 8.88 21.01
N GLU A 273 11.59 8.66 22.32
CA GLU A 273 11.83 9.74 23.28
C GLU A 273 13.32 10.10 23.33
N TYR A 274 14.21 9.18 22.90
CA TYR A 274 15.64 9.40 22.92
C TYR A 274 16.07 10.52 21.98
N ALA A 275 16.96 11.35 22.51
CA ALA A 275 17.67 12.37 21.77
C ALA A 275 19.13 12.29 22.19
N CYS A 276 20.08 12.42 21.24
CA CYS A 276 21.51 12.40 21.57
C CYS A 276 21.83 13.49 22.61
N PRO A 277 22.58 13.16 23.68
CA PRO A 277 22.84 14.17 24.72
C PRO A 277 23.77 15.30 24.28
N SER A 278 24.48 15.11 23.17
CA SER A 278 25.40 16.12 22.63
C SER A 278 25.43 15.97 21.10
N GLY A 279 26.31 16.69 20.43
CA GLY A 279 26.49 16.53 19.00
C GLY A 279 27.42 15.37 18.67
N ASN A 280 28.10 14.75 19.66
CA ASN A 280 29.05 13.68 19.41
C ASN A 280 28.37 12.36 18.96
N ALA A 281 28.79 11.83 17.79
CA ALA A 281 28.20 10.60 17.26
C ALA A 281 28.51 9.37 18.12
N ASP A 282 29.75 9.23 18.63
CA ASP A 282 30.13 8.09 19.48
C ASP A 282 29.28 8.04 20.77
N GLU A 283 29.18 9.17 21.47
CA GLU A 283 28.36 9.30 22.67
C GLU A 283 26.87 9.08 22.34
N GLY A 284 26.44 9.62 21.21
CA GLY A 284 25.07 9.50 20.72
C GLY A 284 24.66 8.05 20.51
N LEU A 285 25.55 7.24 19.88
CA LEU A 285 25.28 5.82 19.64
C LEU A 285 25.27 5.03 20.95
N ASP A 286 26.16 5.35 21.89
CA ASP A 286 26.17 4.70 23.21
C ASP A 286 24.81 4.90 23.90
N GLY A 287 24.31 6.14 23.86
CA GLY A 287 23.04 6.49 24.46
C GLY A 287 21.86 5.84 23.76
N PHE A 288 21.92 5.74 22.42
CA PHE A 288 20.86 5.13 21.64
C PHE A 288 20.74 3.64 21.95
N THR A 289 21.86 2.90 21.93
CA THR A 289 21.82 1.47 22.24
C THR A 289 21.32 1.26 23.69
N ALA A 290 21.75 2.13 24.63
CA ALA A 290 21.27 2.04 26.01
C ALA A 290 19.75 2.34 26.10
N SER A 291 19.24 3.28 25.26
CA SER A 291 17.81 3.61 25.28
C SER A 291 16.95 2.44 24.76
N LEU A 292 17.48 1.64 23.83
CA LEU A 292 16.78 0.46 23.31
C LEU A 292 16.61 -0.60 24.41
N LYS A 293 17.66 -0.80 25.22
CA LYS A 293 17.64 -1.75 26.34
C LYS A 293 16.68 -1.32 27.46
N ALA A 294 16.39 -0.03 27.56
CA ALA A 294 15.47 0.48 28.58
C ALA A 294 14.06 0.74 28.03
N ASN A 295 13.83 0.55 26.73
CA ASN A 295 12.55 0.84 26.06
C ASN A 295 11.59 -0.34 26.20
N PRO A 296 10.45 -0.15 26.91
CA PRO A 296 9.49 -1.26 27.08
C PRO A 296 8.86 -1.72 25.76
N LYS A 297 8.75 -0.83 24.77
CA LYS A 297 8.21 -1.20 23.47
C LYS A 297 9.15 -2.13 22.70
N ALA A 298 10.47 -2.12 23.00
CA ALA A 298 11.44 -2.95 22.29
C ALA A 298 11.62 -4.36 22.91
N GLU A 299 10.95 -4.66 24.05
CA GLU A 299 11.04 -5.96 24.71
C GLU A 299 10.65 -7.09 23.77
N GLY A 300 11.53 -8.08 23.62
CA GLY A 300 11.29 -9.21 22.72
C GLY A 300 11.82 -8.98 21.30
N TYR A 301 12.43 -7.82 21.03
CA TYR A 301 12.95 -7.50 19.70
C TYR A 301 14.43 -7.12 19.72
N ASP A 302 15.20 -7.70 20.65
CA ASP A 302 16.63 -7.40 20.79
C ASP A 302 17.51 -7.99 19.67
N ASP A 303 16.94 -8.85 18.82
CA ASP A 303 17.64 -9.50 17.72
C ASP A 303 17.35 -8.87 16.36
N GLN A 304 16.74 -7.67 16.33
CA GLN A 304 16.47 -6.97 15.08
C GLN A 304 17.56 -5.90 14.83
N ILE A 305 17.47 -5.17 13.71
CA ILE A 305 18.44 -4.11 13.38
C ILE A 305 17.77 -2.76 13.69
N TYR A 306 18.52 -1.82 14.27
CA TYR A 306 17.97 -0.54 14.68
C TYR A 306 18.75 0.64 14.16
N PHE A 307 18.04 1.70 13.79
CA PHE A 307 18.66 2.94 13.38
C PHE A 307 17.99 4.12 14.04
N LEU A 308 18.78 5.01 14.62
CA LEU A 308 18.27 6.30 15.06
C LEU A 308 18.43 7.21 13.87
N ILE A 309 17.37 7.90 13.44
CA ILE A 309 17.48 8.77 12.26
C ILE A 309 17.11 10.22 12.59
N ARG A 310 17.75 11.11 11.86
CA ARG A 310 17.54 12.54 11.91
C ARG A 310 17.74 13.07 10.48
N TRP A 311 17.43 14.36 10.27
CA TRP A 311 17.67 14.97 8.99
C TRP A 311 19.14 15.34 8.87
N GLY A 312 19.68 15.95 9.90
CA GLY A 312 21.03 16.48 9.85
C GLY A 312 22.14 15.52 10.13
N THR A 313 23.27 16.07 10.49
CA THR A 313 24.48 15.33 10.75
C THR A 313 24.91 15.52 12.22
N TRP A 314 25.98 14.82 12.64
CA TRP A 314 26.56 14.96 13.97
C TRP A 314 27.80 15.89 13.91
N ASP A 315 28.46 16.16 15.04
CA ASP A 315 29.68 16.98 15.09
C ASP A 315 30.71 16.52 14.08
N ASN A 316 31.49 17.46 13.54
CA ASN A 316 32.51 17.22 12.53
C ASN A 316 31.89 16.69 11.23
N ASN A 317 30.64 17.09 10.92
CA ASN A 317 29.87 16.70 9.75
C ASN A 317 29.87 15.18 9.55
N ILE A 318 29.68 14.42 10.64
CA ILE A 318 29.62 12.96 10.58
C ILE A 318 28.21 12.54 10.16
N LEU A 319 28.10 11.72 9.12
CA LEU A 319 26.83 11.33 8.51
C LEU A 319 26.09 10.19 9.24
N GLY A 320 26.83 9.37 9.94
CA GLY A 320 26.27 8.24 10.66
C GLY A 320 27.32 7.47 11.40
N ILE A 321 26.90 6.45 12.13
CA ILE A 321 27.81 5.62 12.93
C ILE A 321 27.08 4.32 13.29
N SER A 322 27.81 3.22 13.47
CA SER A 322 27.18 1.96 13.84
C SER A 322 28.17 0.99 14.48
N TRP A 323 27.64 -0.04 15.14
CA TRP A 323 28.47 -1.08 15.73
C TRP A 323 28.88 -2.05 14.63
N LEU A 324 30.20 -2.14 14.37
CA LEU A 324 30.74 -2.99 13.30
C LEU A 324 30.48 -4.47 13.56
N ASN A 325 30.03 -5.22 12.54
CA ASN A 325 29.84 -6.67 12.60
C ASN A 325 28.99 -7.06 13.82
N SER A 326 27.84 -6.41 13.95
CA SER A 326 26.96 -6.60 15.09
C SER A 326 25.70 -7.39 14.78
N TYR A 327 25.50 -7.82 13.51
CA TYR A 327 24.35 -8.62 13.15
C TYR A 327 24.76 -9.92 12.46
N ASN A 328 24.25 -11.04 12.98
CA ASN A 328 24.37 -12.37 12.42
C ASN A 328 23.00 -13.03 12.60
N VAL A 329 22.45 -13.69 11.55
CA VAL A 329 21.11 -14.27 11.64
C VAL A 329 20.97 -15.31 12.77
N ASN A 330 22.08 -15.93 13.20
CA ASN A 330 22.00 -16.95 14.24
C ASN A 330 22.27 -16.43 15.65
N THR A 331 23.05 -15.35 15.82
CA THR A 331 23.40 -14.90 17.17
C THR A 331 22.92 -13.50 17.52
N ALA A 332 22.15 -12.81 16.66
CA ALA A 332 21.69 -11.45 16.96
C ALA A 332 20.98 -11.35 18.32
N SER A 333 21.37 -10.36 19.12
CA SER A 333 20.81 -10.18 20.47
C SER A 333 21.26 -8.84 21.10
N ASP A 334 20.67 -8.50 22.26
CA ASP A 334 20.98 -7.37 23.12
C ASP A 334 21.05 -6.01 22.40
N PHE A 335 20.28 -5.83 21.31
CA PHE A 335 20.21 -4.58 20.56
C PHE A 335 21.61 -4.15 20.03
N LYS A 336 22.52 -5.12 19.83
CA LYS A 336 23.88 -4.84 19.34
C LYS A 336 23.88 -4.27 17.94
N ALA A 337 22.97 -4.76 17.08
CA ALA A 337 22.88 -4.35 15.68
C ALA A 337 22.19 -2.99 15.56
N SER A 338 22.84 -1.94 16.07
CA SER A 338 22.27 -0.62 16.10
C SER A 338 23.24 0.41 15.54
N GLY A 339 22.65 1.46 15.00
CA GLY A 339 23.38 2.54 14.38
C GLY A 339 22.55 3.80 14.30
N MET A 340 23.16 4.84 13.77
CA MET A 340 22.53 6.13 13.57
C MET A 340 22.83 6.59 12.16
N SER A 341 21.87 7.29 11.54
CA SER A 341 22.04 7.72 10.16
C SER A 341 21.30 9.01 9.87
N THR A 342 21.95 9.90 9.10
CA THR A 342 21.25 11.03 8.51
C THR A 342 20.31 10.48 7.42
N THR A 343 19.25 11.23 7.07
CA THR A 343 18.37 10.82 5.99
C THR A 343 18.24 11.91 4.92
N GLN A 344 19.00 13.01 4.99
CA GLN A 344 18.89 14.08 4.01
C GLN A 344 19.21 13.61 2.60
N LEU A 345 18.47 14.15 1.65
CA LEU A 345 18.50 13.77 0.24
C LEU A 345 19.89 13.87 -0.38
N MET A 346 20.66 14.88 -0.01
CA MET A 346 21.98 15.12 -0.59
C MET A 346 23.04 14.08 -0.25
N TYR A 347 22.76 13.18 0.71
CA TYR A 347 23.71 12.14 1.07
C TYR A 347 23.07 10.76 0.92
N PRO A 348 22.75 10.34 -0.32
CA PRO A 348 22.17 9.01 -0.48
C PRO A 348 23.16 7.92 -0.10
N GLY A 349 22.64 6.80 0.36
CA GLY A 349 23.47 5.66 0.71
C GLY A 349 24.07 5.65 2.10
N VAL A 350 23.75 6.62 2.96
CA VAL A 350 24.35 6.64 4.31
C VAL A 350 23.82 5.46 5.10
N MET A 351 22.51 5.22 5.10
CA MET A 351 21.93 4.07 5.81
C MET A 351 22.49 2.74 5.23
N ALA A 352 22.67 2.68 3.91
CA ALA A 352 23.22 1.51 3.23
C ALA A 352 24.65 1.24 3.71
N HIS A 353 25.45 2.30 3.82
CA HIS A 353 26.82 2.22 4.30
C HIS A 353 26.85 1.74 5.79
N GLU A 354 25.97 2.29 6.65
CA GLU A 354 25.92 1.90 8.07
C GLU A 354 25.38 0.47 8.24
N LEU A 355 24.40 0.07 7.40
CA LEU A 355 23.89 -1.31 7.39
C LEU A 355 25.03 -2.26 6.93
N GLY A 356 25.87 -1.79 6.00
CA GLY A 356 27.04 -2.51 5.52
C GLY A 356 27.99 -2.83 6.66
N HIS A 357 28.33 -1.82 7.48
CA HIS A 357 29.18 -1.96 8.67
C HIS A 357 28.56 -2.94 9.69
N ILE A 358 27.25 -2.80 10.00
CA ILE A 358 26.57 -3.69 10.96
C ILE A 358 26.66 -5.16 10.49
N LEU A 359 26.56 -5.38 9.18
CA LEU A 359 26.64 -6.73 8.61
C LEU A 359 28.10 -7.22 8.47
N GLY A 360 29.08 -6.43 8.93
CA GLY A 360 30.48 -6.81 8.94
C GLY A 360 31.40 -6.23 7.89
N ALA A 361 30.87 -5.44 6.94
CA ALA A 361 31.72 -4.86 5.91
C ALA A 361 32.67 -3.82 6.50
N ASN A 362 33.95 -3.94 6.14
CA ASN A 362 35.01 -3.03 6.51
C ASN A 362 35.14 -1.95 5.44
N HIS A 363 35.99 -0.93 5.68
CA HIS A 363 36.26 0.11 4.71
C HIS A 363 36.90 -0.51 3.45
N ALA A 364 36.41 -0.13 2.27
CA ALA A 364 36.98 -0.61 1.01
C ALA A 364 37.95 0.42 0.45
N ASP A 365 38.90 -0.01 -0.37
CA ASP A 365 39.90 0.87 -0.94
C ASP A 365 39.47 1.49 -2.26
N ASP A 366 38.53 0.87 -2.98
CA ASP A 366 38.05 1.43 -4.23
C ASP A 366 37.20 2.66 -3.94
N PRO A 367 37.55 3.81 -4.53
CA PRO A 367 36.73 5.02 -4.30
C PRO A 367 35.31 4.92 -4.83
N LYS A 368 34.98 3.92 -5.66
CA LYS A 368 33.63 3.72 -6.18
C LYS A 368 32.80 2.72 -5.36
N ASP A 369 33.35 2.20 -4.27
CA ASP A 369 32.65 1.27 -3.41
C ASP A 369 31.79 2.03 -2.44
N LEU A 370 30.59 1.53 -2.14
CA LEU A 370 29.70 2.06 -1.11
C LEU A 370 30.45 2.19 0.23
N MET A 371 31.36 1.22 0.51
CA MET A 371 32.09 1.14 1.76
C MET A 371 33.42 1.89 1.76
N TYR A 372 33.65 2.78 0.79
CA TYR A 372 34.86 3.62 0.80
C TYR A 372 34.82 4.52 2.07
N SER A 373 35.97 4.74 2.74
CA SER A 373 36.05 5.47 4.00
C SER A 373 35.47 6.88 3.92
N LYS A 374 35.53 7.50 2.74
CA LYS A 374 34.96 8.83 2.56
C LYS A 374 33.59 8.72 1.87
N TYR A 375 32.71 9.71 2.08
CA TYR A 375 31.41 9.71 1.45
C TYR A 375 31.60 9.88 -0.08
N THR A 376 31.01 8.99 -0.89
CA THR A 376 31.16 9.04 -2.33
C THR A 376 29.91 9.12 -3.16
N GLY A 377 28.77 8.70 -2.62
CA GLY A 377 27.53 8.69 -3.39
C GLY A 377 27.26 7.36 -4.09
N TYR A 378 28.22 6.42 -4.07
CA TYR A 378 28.04 5.12 -4.70
C TYR A 378 27.22 4.22 -3.77
N LEU A 379 26.37 3.35 -4.33
CA LEU A 379 25.40 2.62 -3.53
C LEU A 379 25.54 1.11 -3.50
N PHE A 380 26.64 0.58 -4.04
CA PHE A 380 26.82 -0.86 -4.09
C PHE A 380 28.16 -1.33 -3.58
N HIS A 381 28.16 -2.47 -2.92
CA HIS A 381 29.36 -3.17 -2.51
C HIS A 381 30.05 -3.69 -3.77
N LEU A 382 31.34 -3.41 -3.87
CA LEU A 382 32.18 -3.91 -4.97
C LEU A 382 33.26 -4.88 -4.43
N SER A 383 33.59 -4.79 -3.12
CA SER A 383 34.59 -5.62 -2.47
C SER A 383 34.10 -7.06 -2.33
N GLU A 384 34.81 -8.03 -2.93
CA GLU A 384 34.43 -9.44 -2.78
C GLU A 384 34.60 -9.90 -1.33
N LYS A 385 35.61 -9.38 -0.62
CA LYS A 385 35.80 -9.73 0.79
C LYS A 385 34.59 -9.28 1.63
N ASN A 386 34.11 -8.04 1.40
CA ASN A 386 32.94 -7.53 2.13
C ASN A 386 31.68 -8.28 1.76
N MET A 387 31.50 -8.59 0.47
CA MET A 387 30.32 -9.31 0.01
C MET A 387 30.25 -10.70 0.64
N ASP A 388 31.41 -11.38 0.82
CA ASP A 388 31.44 -12.68 1.48
C ASP A 388 31.12 -12.55 2.98
N ILE A 389 31.65 -11.51 3.66
CA ILE A 389 31.37 -11.32 5.10
C ILE A 389 29.86 -11.05 5.33
N ILE A 390 29.28 -10.15 4.55
CA ILE A 390 27.88 -9.77 4.67
C ILE A 390 26.97 -10.98 4.40
N ALA A 391 27.22 -11.70 3.32
CA ALA A 391 26.41 -12.85 2.94
C ALA A 391 26.51 -13.98 3.97
N LYS A 392 27.72 -14.23 4.51
CA LYS A 392 27.89 -15.26 5.53
C LYS A 392 27.14 -14.90 6.81
N ASN A 393 27.09 -13.60 7.19
CA ASN A 393 26.34 -13.16 8.36
C ASN A 393 24.81 -13.29 8.16
N LEU A 394 24.35 -13.41 6.92
CA LEU A 394 22.94 -13.59 6.60
C LEU A 394 22.58 -15.07 6.25
N GLY A 395 23.52 -16.00 6.48
CA GLY A 395 23.31 -17.44 6.31
C GLY A 395 23.80 -18.06 5.01
N TRP A 396 24.43 -17.28 4.15
CA TRP A 396 24.93 -17.80 2.87
C TRP A 396 26.28 -18.52 3.04
N GLU A 397 26.54 -19.45 2.11
CA GLU A 397 27.79 -20.21 2.00
C GLU A 397 28.20 -20.27 0.53
N ILE A 398 29.52 -20.33 0.25
CA ILE A 398 30.06 -20.35 -1.10
C ILE A 398 29.42 -21.45 -1.96
N ALA A 399 29.19 -22.65 -1.38
CA ALA A 399 28.58 -23.78 -2.09
C ALA A 399 27.17 -23.48 -2.60
N ASP A 400 26.46 -22.52 -1.98
CA ASP A 400 25.11 -22.14 -2.40
C ASP A 400 25.07 -21.35 -3.72
N GLY A 401 26.19 -20.76 -4.11
CA GLY A 401 26.26 -19.95 -5.33
C GLY A 401 25.56 -18.62 -5.19
N ASP A 402 25.24 -17.99 -6.33
CA ASP A 402 24.56 -16.68 -6.32
C ASP A 402 23.11 -16.77 -6.87
N THR B 40 1.25 -18.33 17.19
CA THR B 40 1.68 -17.45 18.27
C THR B 40 1.17 -16.01 18.06
N ALA B 41 1.14 -15.49 16.79
CA ALA B 41 0.62 -14.14 16.56
C ALA B 41 -0.88 -14.12 16.84
N SER B 42 -1.40 -13.03 17.44
CA SER B 42 -2.81 -13.00 17.80
C SER B 42 -3.46 -11.60 17.79
N ILE B 43 -4.79 -11.59 17.65
CA ILE B 43 -5.64 -10.40 17.66
C ILE B 43 -6.72 -10.59 18.74
N ASP B 44 -6.72 -9.71 19.77
CA ASP B 44 -7.67 -9.75 20.87
C ASP B 44 -8.92 -8.97 20.48
N LEU B 45 -10.04 -9.67 20.22
CA LEU B 45 -11.28 -9.06 19.79
C LEU B 45 -11.96 -8.20 20.84
N GLN B 46 -11.51 -8.23 22.10
CA GLN B 46 -12.04 -7.37 23.13
C GLN B 46 -11.35 -5.99 23.14
N SER B 47 -10.21 -5.82 22.43
CA SER B 47 -9.50 -4.53 22.42
C SER B 47 -8.84 -4.23 21.06
N VAL B 48 -9.25 -4.91 19.99
CA VAL B 48 -8.61 -4.76 18.68
C VAL B 48 -8.66 -3.30 18.14
N SER B 49 -7.50 -2.75 17.80
CA SER B 49 -7.40 -1.39 17.28
C SER B 49 -6.84 -1.43 15.82
N TYR B 50 -6.73 -0.26 15.16
CA TYR B 50 -6.14 -0.20 13.82
C TYR B 50 -4.68 -0.68 13.87
N THR B 51 -3.91 -0.23 14.88
CA THR B 51 -2.51 -0.59 15.01
C THR B 51 -2.34 -2.12 15.18
N ASP B 52 -3.21 -2.77 15.95
CA ASP B 52 -3.14 -4.22 16.15
C ASP B 52 -3.30 -4.94 14.81
N LEU B 53 -4.33 -4.55 14.03
CA LEU B 53 -4.62 -5.16 12.74
C LEU B 53 -3.53 -4.85 11.71
N ALA B 54 -3.05 -3.59 11.66
CA ALA B 54 -2.04 -3.21 10.68
C ALA B 54 -0.71 -3.92 10.95
N THR B 55 -0.25 -4.01 12.21
CA THR B 55 1.06 -4.63 12.48
C THR B 55 1.03 -6.13 12.13
N GLN B 56 -0.07 -6.82 12.41
CA GLN B 56 -0.20 -8.23 12.09
C GLN B 56 -0.30 -8.46 10.56
N LEU B 57 -1.16 -7.71 9.87
CA LEU B 57 -1.37 -7.87 8.42
C LEU B 57 -0.15 -7.42 7.62
N ASN B 58 0.57 -6.38 8.09
CA ASN B 58 1.79 -5.94 7.41
C ASN B 58 2.93 -6.96 7.55
N ASP B 59 2.84 -7.90 8.50
CA ASP B 59 3.81 -8.96 8.67
C ASP B 59 3.49 -10.20 7.80
N VAL B 60 2.34 -10.23 7.12
CA VAL B 60 1.98 -11.35 6.25
C VAL B 60 2.85 -11.32 4.99
N SER B 61 3.74 -12.29 4.87
CA SER B 61 4.62 -12.41 3.70
C SER B 61 3.96 -13.30 2.60
N ASP B 62 4.68 -13.60 1.49
CA ASP B 62 4.23 -14.44 0.36
C ASP B 62 3.80 -15.83 0.79
N PHE B 63 4.38 -16.35 1.87
CA PHE B 63 4.07 -17.70 2.34
C PHE B 63 2.91 -17.75 3.33
N GLY B 64 2.37 -16.61 3.74
CA GLY B 64 1.27 -16.58 4.67
C GLY B 64 1.72 -16.63 6.12
N LYS B 65 0.77 -16.48 7.01
CA LYS B 65 1.04 -16.40 8.44
C LYS B 65 -0.15 -16.83 9.22
N MET B 66 0.07 -17.61 10.28
CA MET B 66 -0.99 -18.00 11.19
C MET B 66 -1.25 -16.87 12.16
N ILE B 67 -2.51 -16.53 12.32
CA ILE B 67 -2.94 -15.49 13.27
C ILE B 67 -4.10 -16.07 14.09
N ILE B 68 -4.04 -15.90 15.40
CA ILE B 68 -5.07 -16.40 16.29
C ILE B 68 -6.06 -15.29 16.61
N LEU B 69 -7.33 -15.50 16.34
CA LEU B 69 -8.36 -14.53 16.72
C LEU B 69 -8.84 -14.97 18.12
N LYS B 70 -8.74 -14.08 19.12
CA LYS B 70 -9.10 -14.43 20.49
C LYS B 70 -10.34 -13.66 20.94
N ASP B 71 -11.34 -14.40 21.39
CA ASP B 71 -12.62 -13.85 21.81
C ASP B 71 -13.16 -14.51 23.09
N ASN B 72 -13.14 -13.77 24.22
CA ASN B 72 -13.64 -14.24 25.53
C ASN B 72 -13.18 -15.67 25.89
N GLY B 73 -11.89 -15.93 25.74
CA GLY B 73 -11.32 -17.24 26.08
C GLY B 73 -11.39 -18.30 24.99
N PHE B 74 -12.07 -18.02 23.87
CA PHE B 74 -12.16 -18.97 22.75
C PHE B 74 -11.33 -18.43 21.59
N ASN B 75 -10.51 -19.27 20.94
CA ASN B 75 -9.63 -18.85 19.88
C ASN B 75 -9.91 -19.52 18.54
N ARG B 76 -9.65 -18.80 17.43
CA ARG B 76 -9.74 -19.35 16.08
C ARG B 76 -8.43 -19.08 15.36
N GLN B 77 -7.70 -20.13 15.01
CA GLN B 77 -6.46 -20.00 14.29
C GLN B 77 -6.76 -19.86 12.79
N VAL B 78 -6.25 -18.82 12.17
CA VAL B 78 -6.49 -18.54 10.76
C VAL B 78 -5.15 -18.47 9.99
N HIS B 79 -5.06 -19.10 8.83
CA HIS B 79 -3.90 -18.97 7.97
C HIS B 79 -4.20 -17.87 7.01
N VAL B 80 -3.58 -16.71 7.23
CA VAL B 80 -3.81 -15.51 6.43
C VAL B 80 -2.82 -15.37 5.31
N SER B 81 -3.33 -15.00 4.13
CA SER B 81 -2.51 -14.76 2.94
CA SER B 81 -2.51 -14.78 2.95
C SER B 81 -2.85 -13.44 2.30
N MET B 82 -1.86 -12.83 1.63
CA MET B 82 -2.13 -11.61 0.86
C MET B 82 -3.01 -11.98 -0.33
N ASP B 83 -4.01 -11.15 -0.66
CA ASP B 83 -4.80 -11.36 -1.87
C ASP B 83 -4.01 -10.72 -3.00
N LYS B 84 -3.37 -11.52 -3.83
CA LYS B 84 -2.55 -11.01 -4.93
C LYS B 84 -3.34 -10.81 -6.24
N ARG B 85 -4.64 -11.12 -6.27
CA ARG B 85 -5.43 -11.01 -7.49
C ARG B 85 -6.11 -9.63 -7.62
N THR B 86 -6.59 -9.07 -6.52
CA THR B 86 -7.34 -7.81 -6.58
C THR B 86 -6.50 -6.62 -6.16
N LYS B 87 -6.64 -5.51 -6.89
CA LYS B 87 -6.02 -4.24 -6.54
C LYS B 87 -7.15 -3.24 -6.29
N ILE B 88 -6.97 -2.34 -5.31
CA ILE B 88 -7.96 -1.31 -4.98
C ILE B 88 -7.27 0.03 -4.67
N GLN B 89 -7.73 1.10 -5.34
CA GLN B 89 -7.39 2.45 -4.92
C GLN B 89 -8.70 3.19 -4.66
N LEU B 90 -8.79 3.90 -3.53
CA LEU B 90 -9.93 4.76 -3.22
C LEU B 90 -9.40 6.18 -3.24
N ASP B 91 -9.66 6.96 -4.29
CA ASP B 91 -9.11 8.32 -4.44
C ASP B 91 -7.56 8.27 -4.39
N ASN B 92 -6.98 7.24 -5.05
CA ASN B 92 -5.55 6.95 -5.12
C ASN B 92 -4.94 6.38 -3.81
N GLU B 93 -5.74 6.11 -2.78
CA GLU B 93 -5.24 5.50 -1.54
C GLU B 93 -5.24 4.00 -1.72
N ASN B 94 -4.07 3.34 -1.55
CA ASN B 94 -3.98 1.90 -1.76
C ASN B 94 -4.64 1.08 -0.64
N VAL B 95 -5.45 0.09 -1.04
CA VAL B 95 -6.15 -0.78 -0.12
C VAL B 95 -5.81 -2.24 -0.45
N ARG B 96 -5.27 -2.97 0.54
CA ARG B 96 -4.87 -4.36 0.36
C ARG B 96 -5.86 -5.33 1.00
N LEU B 97 -6.07 -6.46 0.36
CA LEU B 97 -6.98 -7.49 0.82
C LEU B 97 -6.19 -8.71 1.29
N PHE B 98 -6.79 -9.44 2.24
CA PHE B 98 -6.18 -10.63 2.82
C PHE B 98 -7.25 -11.70 2.96
N ASN B 99 -6.85 -12.94 2.76
CA ASN B 99 -7.76 -14.06 2.82
C ASN B 99 -7.29 -15.09 3.81
N GLY B 100 -8.25 -15.76 4.43
CA GLY B 100 -7.96 -16.94 5.21
C GLY B 100 -8.12 -18.12 4.27
N ARG B 101 -7.95 -19.33 4.79
CA ARG B 101 -8.22 -20.53 3.99
C ARG B 101 -9.76 -20.64 3.76
N ASP B 102 -10.22 -21.50 2.84
CA ASP B 102 -11.66 -21.68 2.59
C ASP B 102 -12.41 -22.06 3.89
N LYS B 103 -11.84 -22.95 4.71
CA LYS B 103 -12.46 -23.37 5.96
C LYS B 103 -12.47 -22.29 7.05
N ASP B 104 -11.70 -21.21 6.88
CA ASP B 104 -11.64 -20.14 7.86
C ASP B 104 -12.78 -19.13 7.71
N SER B 105 -13.37 -18.96 6.49
CA SER B 105 -14.40 -17.96 6.12
C SER B 105 -14.07 -16.59 6.75
N THR B 106 -12.82 -16.16 6.58
CA THR B 106 -12.28 -14.93 7.15
C THR B 106 -11.56 -14.13 6.08
N ASN B 107 -11.79 -12.82 6.07
CA ASN B 107 -11.15 -11.89 5.16
C ASN B 107 -10.77 -10.64 5.91
N PHE B 108 -9.76 -9.94 5.41
CA PHE B 108 -9.31 -8.67 5.98
C PHE B 108 -9.16 -7.64 4.89
N ILE B 109 -9.21 -6.38 5.30
CA ILE B 109 -9.00 -5.22 4.45
C ILE B 109 -8.03 -4.32 5.19
N LEU B 110 -7.05 -3.74 4.48
CA LEU B 110 -6.11 -2.84 5.12
C LEU B 110 -5.75 -1.68 4.20
N GLY B 111 -6.05 -0.50 4.70
CA GLY B 111 -5.64 0.76 4.09
C GLY B 111 -4.79 1.50 5.11
N ASP B 112 -4.23 2.63 4.71
CA ASP B 112 -3.49 3.48 5.64
C ASP B 112 -4.43 4.08 6.72
N GLU B 113 -5.70 4.31 6.37
CA GLU B 113 -6.63 4.98 7.29
C GLU B 113 -7.55 4.06 8.06
N PHE B 114 -7.69 2.81 7.63
CA PHE B 114 -8.63 1.89 8.28
C PHE B 114 -8.24 0.43 8.04
N ALA B 115 -8.81 -0.46 8.84
CA ALA B 115 -8.63 -1.89 8.74
C ALA B 115 -9.95 -2.59 9.09
N VAL B 116 -10.22 -3.70 8.41
CA VAL B 116 -11.42 -4.48 8.63
C VAL B 116 -11.06 -5.94 8.80
N LEU B 117 -11.69 -6.58 9.77
CA LEU B 117 -11.66 -8.03 9.92
C LEU B 117 -13.13 -8.46 9.73
N ARG B 118 -13.39 -9.45 8.86
CA ARG B 118 -14.75 -9.93 8.68
C ARG B 118 -14.76 -11.45 8.70
N PHE B 119 -15.61 -12.06 9.53
CA PHE B 119 -15.73 -13.52 9.59
C PHE B 119 -17.20 -13.92 9.85
N TYR B 120 -17.50 -15.23 9.90
CA TYR B 120 -18.87 -15.70 10.12
C TYR B 120 -18.99 -16.52 11.41
N ARG B 121 -20.13 -16.37 12.08
CA ARG B 121 -20.50 -17.08 13.32
C ARG B 121 -21.97 -17.44 13.22
N ASN B 122 -22.31 -18.75 13.16
CA ASN B 122 -23.68 -19.22 12.93
C ASN B 122 -24.22 -18.67 11.61
N GLY B 123 -23.37 -18.60 10.60
CA GLY B 123 -23.75 -18.04 9.30
C GLY B 123 -23.94 -16.54 9.27
N GLU B 124 -23.75 -15.85 10.40
CA GLU B 124 -23.89 -14.39 10.47
C GLU B 124 -22.59 -13.68 10.24
N SER B 125 -22.63 -12.60 9.46
CA SER B 125 -21.49 -11.79 9.09
C SER B 125 -21.10 -10.83 10.20
N ILE B 126 -19.88 -10.98 10.71
CA ILE B 126 -19.41 -10.10 11.78
C ILE B 126 -18.20 -9.32 11.32
N SER B 127 -18.27 -7.98 11.45
CA SER B 127 -17.17 -7.12 11.07
C SER B 127 -16.59 -6.35 12.24
N TYR B 128 -15.26 -6.26 12.30
CA TYR B 128 -14.53 -5.43 13.23
C TYR B 128 -13.92 -4.34 12.37
N ILE B 129 -14.31 -3.08 12.61
CA ILE B 129 -13.89 -1.96 11.78
C ILE B 129 -13.08 -1.02 12.61
N ALA B 130 -11.85 -0.73 12.20
CA ALA B 130 -10.98 0.12 13.01
C ALA B 130 -10.33 1.20 12.16
N TYR B 131 -10.53 2.46 12.53
CA TYR B 131 -9.92 3.57 11.82
C TYR B 131 -8.69 4.04 12.59
N LYS B 132 -7.63 4.42 11.87
CA LYS B 132 -6.37 4.85 12.47
C LYS B 132 -6.49 6.14 13.30
N GLU B 133 -7.04 7.20 12.72
CA GLU B 133 -7.11 8.49 13.42
C GLU B 133 -8.19 8.49 14.48
N ALA B 134 -7.88 9.08 15.65
CA ALA B 134 -8.83 9.17 16.76
C ALA B 134 -10.12 9.90 16.34
N GLN B 135 -10.01 11.06 15.66
CA GLN B 135 -11.19 11.81 15.23
C GLN B 135 -12.04 10.96 14.28
N MET B 136 -11.42 10.28 13.32
CA MET B 136 -12.18 9.49 12.36
C MET B 136 -12.81 8.26 13.02
N MET B 137 -12.08 7.60 13.95
CA MET B 137 -12.64 6.45 14.67
C MET B 137 -13.85 6.90 15.50
N ASN B 138 -13.76 8.07 16.15
CA ASN B 138 -14.88 8.59 16.95
C ASN B 138 -16.10 8.88 16.06
N GLU B 139 -15.88 9.52 14.90
CA GLU B 139 -16.93 9.83 13.91
C GLU B 139 -17.60 8.53 13.37
N ILE B 140 -16.81 7.52 13.06
CA ILE B 140 -17.31 6.24 12.55
C ILE B 140 -18.11 5.51 13.64
N ALA B 141 -17.63 5.51 14.90
CA ALA B 141 -18.34 4.85 15.99
C ALA B 141 -19.70 5.54 16.22
N GLU B 142 -19.76 6.88 16.16
CA GLU B 142 -21.03 7.59 16.31
C GLU B 142 -21.97 7.31 15.14
N PHE B 143 -21.43 7.27 13.91
CA PHE B 143 -22.19 6.97 12.70
C PHE B 143 -22.89 5.60 12.80
N TYR B 144 -22.16 4.56 13.23
CA TYR B 144 -22.74 3.22 13.36
C TYR B 144 -23.64 3.08 14.59
N ALA B 145 -23.39 3.85 15.68
CA ALA B 145 -24.20 3.77 16.91
C ALA B 145 -25.53 4.48 16.79
N ALA B 146 -25.58 5.61 16.06
CA ALA B 146 -26.79 6.43 15.95
C ALA B 146 -28.07 5.64 15.62
N PRO B 147 -28.15 4.72 14.64
CA PRO B 147 -29.44 4.02 14.39
C PRO B 147 -29.96 3.26 15.62
N PHE B 148 -29.06 2.67 16.42
CA PHE B 148 -29.42 1.90 17.61
C PHE B 148 -29.91 2.78 18.76
N LYS B 149 -29.50 4.05 18.79
CA LYS B 149 -29.92 5.00 19.82
C LYS B 149 -31.38 5.43 19.63
N LYS B 150 -31.92 5.39 18.39
CA LYS B 150 -33.32 5.73 18.11
C LYS B 150 -34.21 4.69 18.79
N THR B 151 -33.87 3.41 18.64
CA THR B 151 -34.51 2.29 19.34
C THR B 151 -33.69 2.04 20.64
N ARG B 152 -33.95 0.97 21.41
CA ARG B 152 -33.16 0.65 22.60
C ARG B 152 -33.33 -0.83 22.93
N ALA B 153 -32.72 -1.68 22.09
CA ALA B 153 -32.78 -3.13 22.22
C ALA B 153 -31.96 -3.63 23.41
N ILE B 154 -32.49 -4.64 24.11
CA ILE B 154 -31.84 -5.26 25.28
C ILE B 154 -30.59 -6.07 24.87
N ASN B 155 -30.55 -6.55 23.62
CA ASN B 155 -29.44 -7.36 23.10
C ASN B 155 -28.54 -6.58 22.14
N GLU B 156 -28.48 -5.24 22.30
CA GLU B 156 -27.71 -4.40 21.40
C GLU B 156 -26.23 -4.84 21.27
N LYS B 157 -25.58 -5.31 22.34
CA LYS B 157 -24.16 -5.70 22.33
C LYS B 157 -23.81 -6.75 21.28
N GLU B 158 -24.67 -7.75 21.06
CA GLU B 158 -24.35 -8.80 20.08
C GLU B 158 -24.52 -8.29 18.65
N ALA B 159 -25.33 -7.24 18.43
CA ALA B 159 -25.47 -6.65 17.09
C ALA B 159 -24.45 -5.52 16.84
N PHE B 160 -24.18 -4.70 17.85
CA PHE B 160 -23.29 -3.55 17.71
C PHE B 160 -22.56 -3.30 19.02
N GLU B 161 -21.25 -3.04 18.96
CA GLU B 161 -20.48 -2.78 20.16
C GLU B 161 -19.25 -1.93 19.87
N CYS B 162 -19.05 -0.89 20.68
CA CYS B 162 -17.84 -0.07 20.63
C CYS B 162 -16.78 -0.79 21.41
N ILE B 163 -15.62 -0.99 20.82
CA ILE B 163 -14.55 -1.70 21.49
C ILE B 163 -13.51 -0.71 22.00
N TYR B 164 -13.08 -0.87 23.26
CA TYR B 164 -12.14 0.05 23.89
C TYR B 164 -10.80 -0.62 24.24
N ASP B 165 -9.77 0.22 24.48
CA ASP B 165 -8.39 -0.03 24.95
C ASP B 165 -7.34 0.56 24.03
N GLY B 172 -9.22 3.90 28.40
CA GLY B 172 -10.29 3.49 27.50
C GLY B 172 -11.43 4.50 27.42
N LYS B 173 -11.11 5.75 27.03
CA LYS B 173 -12.12 6.79 26.93
C LYS B 173 -12.79 6.75 25.54
N TYR B 174 -11.98 6.66 24.47
CA TYR B 174 -12.51 6.63 23.12
C TYR B 174 -12.33 5.25 22.48
N PRO B 175 -13.28 4.83 21.63
CA PRO B 175 -13.19 3.49 21.05
C PRO B 175 -12.03 3.33 20.07
N VAL B 176 -11.51 2.11 20.00
CA VAL B 176 -10.42 1.75 19.08
C VAL B 176 -10.97 1.00 17.84
N SER B 177 -12.21 0.48 17.91
CA SER B 177 -12.88 -0.19 16.81
C SER B 177 -14.37 -0.36 17.12
N VAL B 178 -15.14 -0.85 16.15
CA VAL B 178 -16.54 -1.20 16.36
C VAL B 178 -16.74 -2.61 15.83
N LYS B 179 -17.63 -3.34 16.45
CA LYS B 179 -18.04 -4.66 16.06
C LYS B 179 -19.48 -4.56 15.58
N ILE B 180 -19.77 -5.05 14.37
CA ILE B 180 -21.12 -5.07 13.88
C ILE B 180 -21.45 -6.45 13.32
N ASN B 181 -22.53 -7.06 13.85
CA ASN B 181 -23.09 -8.27 13.31
C ASN B 181 -24.27 -7.77 12.48
N VAL B 182 -24.09 -7.75 11.16
CA VAL B 182 -25.03 -7.21 10.20
C VAL B 182 -26.40 -7.93 10.22
N ASP B 183 -26.41 -9.25 10.40
CA ASP B 183 -27.65 -10.01 10.45
C ASP B 183 -28.46 -9.65 11.70
N LYS B 184 -27.79 -9.54 12.84
CA LYS B 184 -28.46 -9.16 14.07
C LYS B 184 -28.92 -7.70 14.02
N ALA B 185 -28.10 -6.81 13.44
CA ALA B 185 -28.41 -5.38 13.36
C ALA B 185 -29.67 -5.13 12.56
N LYS B 186 -29.83 -5.84 11.43
CA LYS B 186 -31.00 -5.65 10.59
C LYS B 186 -32.29 -6.07 11.29
N LYS B 187 -32.23 -7.08 12.17
CA LYS B 187 -33.42 -7.51 12.91
C LYS B 187 -33.77 -6.55 14.04
N ILE B 188 -32.77 -5.87 14.63
CA ILE B 188 -33.01 -4.92 15.71
C ILE B 188 -33.55 -3.61 15.13
N LEU B 189 -32.89 -3.11 14.08
CA LEU B 189 -33.29 -1.86 13.46
C LEU B 189 -34.60 -1.98 12.68
N ASN B 190 -34.99 -3.21 12.26
CA ASN B 190 -36.22 -3.51 11.51
C ASN B 190 -36.36 -2.57 10.31
N LEU B 191 -35.30 -2.52 9.51
CA LEU B 191 -35.18 -1.70 8.30
C LEU B 191 -36.23 -2.09 7.23
N PRO B 192 -36.51 -1.22 6.24
CA PRO B 192 -37.41 -1.64 5.16
C PRO B 192 -36.77 -2.75 4.33
N GLU B 193 -37.58 -3.67 3.80
CA GLU B 193 -37.10 -4.79 2.99
C GLU B 193 -36.58 -4.25 1.64
N CYS B 194 -35.27 -4.30 1.44
CA CYS B 194 -34.65 -3.78 0.24
C CYS B 194 -34.59 -4.89 -0.84
N ASP B 195 -34.94 -4.50 -2.07
CA ASP B 195 -35.10 -5.40 -3.20
C ASP B 195 -34.08 -5.16 -4.34
N TYR B 196 -34.12 -6.03 -5.37
CA TYR B 196 -33.29 -5.93 -6.58
C TYR B 196 -34.17 -5.62 -7.80
N VAL B 218 -6.17 -20.85 -22.30
CA VAL B 218 -5.93 -20.16 -21.03
C VAL B 218 -4.74 -19.22 -21.20
N PRO B 219 -4.89 -17.92 -20.88
CA PRO B 219 -3.76 -17.00 -21.09
C PRO B 219 -2.62 -17.21 -20.10
N SER B 220 -1.38 -16.84 -20.50
CA SER B 220 -0.21 -16.95 -19.64
C SER B 220 -0.33 -16.02 -18.42
N GLU B 221 -0.91 -14.84 -18.64
CA GLU B 221 -1.18 -13.86 -17.60
C GLU B 221 -2.68 -13.54 -17.60
N PRO B 222 -3.30 -13.40 -16.43
CA PRO B 222 -4.71 -12.98 -16.43
C PRO B 222 -4.86 -11.57 -17.01
N LYS B 223 -6.02 -11.31 -17.59
CA LYS B 223 -6.32 -10.00 -18.13
C LYS B 223 -6.71 -9.07 -16.99
N THR B 224 -6.14 -7.86 -16.96
CA THR B 224 -6.52 -6.88 -15.95
C THR B 224 -7.80 -6.17 -16.41
N VAL B 225 -8.83 -6.21 -15.57
CA VAL B 225 -10.08 -5.51 -15.87
C VAL B 225 -10.28 -4.47 -14.78
N TYR B 226 -10.38 -3.19 -15.18
CA TYR B 226 -10.66 -2.15 -14.20
C TYR B 226 -12.16 -2.03 -13.94
N VAL B 227 -12.52 -1.88 -12.66
CA VAL B 227 -13.85 -1.61 -12.19
C VAL B 227 -13.77 -0.17 -11.63
N ILE B 228 -14.24 0.79 -12.42
CA ILE B 228 -14.18 2.20 -12.11
C ILE B 228 -15.46 2.60 -11.38
N CYS B 229 -15.30 2.86 -10.09
CA CYS B 229 -16.39 3.23 -9.23
C CYS B 229 -16.37 4.73 -9.06
N LEU B 230 -17.55 5.32 -9.21
CA LEU B 230 -17.69 6.76 -9.17
C LEU B 230 -18.65 7.15 -8.08
N ARG B 231 -18.12 7.90 -7.14
CA ARG B 231 -18.87 8.44 -6.02
C ARG B 231 -19.83 9.48 -6.56
N GLU B 232 -21.14 9.22 -6.44
CA GLU B 232 -22.16 10.13 -6.93
C GLU B 232 -22.03 11.52 -6.30
N ASN B 233 -22.25 12.57 -7.09
CA ASN B 233 -22.19 13.96 -6.63
C ASN B 233 -23.15 14.15 -5.42
N GLY B 234 -22.60 14.65 -4.33
CA GLY B 234 -23.33 14.88 -3.09
C GLY B 234 -23.42 13.70 -2.15
N SER B 235 -22.85 12.54 -2.53
CA SER B 235 -22.93 11.39 -1.66
C SER B 235 -21.64 11.19 -0.87
N THR B 236 -21.78 10.65 0.31
CA THR B 236 -20.69 10.31 1.19
C THR B 236 -20.63 8.79 1.26
N VAL B 237 -19.48 8.21 0.97
CA VAL B 237 -19.30 6.77 1.12
C VAL B 237 -18.15 6.55 2.10
N TYR B 238 -18.14 5.41 2.81
CA TYR B 238 -17.16 5.19 3.88
C TYR B 238 -16.18 4.12 3.38
N PRO B 239 -14.86 4.38 3.48
CA PRO B 239 -13.87 3.47 2.85
C PRO B 239 -13.98 2.02 3.26
N ASN B 240 -14.29 1.71 4.55
CA ASN B 240 -14.45 0.32 4.97
C ASN B 240 -15.64 -0.32 4.23
N GLU B 241 -16.74 0.42 4.02
CA GLU B 241 -17.91 -0.11 3.36
C GLU B 241 -17.70 -0.33 1.86
N VAL B 242 -17.09 0.66 1.17
CA VAL B 242 -16.84 0.53 -0.26
C VAL B 242 -15.88 -0.64 -0.53
N SER B 243 -14.80 -0.73 0.25
CA SER B 243 -13.83 -1.80 0.04
CA SER B 243 -13.82 -1.81 0.10
C SER B 243 -14.45 -3.18 0.34
N ALA B 244 -15.37 -3.29 1.31
CA ALA B 244 -16.03 -4.58 1.59
C ALA B 244 -16.88 -5.01 0.40
N GLN B 245 -17.61 -4.08 -0.24
CA GLN B 245 -18.39 -4.38 -1.45
C GLN B 245 -17.50 -4.86 -2.59
N MET B 246 -16.35 -4.20 -2.79
CA MET B 246 -15.38 -4.54 -3.84
C MET B 246 -14.76 -5.91 -3.58
N GLN B 247 -14.35 -6.18 -2.32
CA GLN B 247 -13.78 -7.48 -1.97
C GLN B 247 -14.79 -8.60 -2.23
N ASP B 248 -16.04 -8.41 -1.80
CA ASP B 248 -17.07 -9.43 -2.01
C ASP B 248 -17.36 -9.62 -3.51
N ALA B 249 -17.38 -8.53 -4.29
CA ALA B 249 -17.60 -8.62 -5.75
C ALA B 249 -16.48 -9.42 -6.42
N ALA B 250 -15.21 -9.09 -6.14
CA ALA B 250 -14.10 -9.78 -6.76
C ALA B 250 -14.08 -11.27 -6.34
N ASN B 251 -14.33 -11.58 -5.06
CA ASN B 251 -14.31 -12.97 -4.60
C ASN B 251 -15.48 -13.77 -5.16
N SER B 252 -16.62 -13.14 -5.50
CA SER B 252 -17.73 -13.85 -6.15
C SER B 252 -17.33 -14.29 -7.57
N VAL B 253 -16.44 -13.54 -8.23
CA VAL B 253 -15.98 -13.90 -9.57
C VAL B 253 -14.88 -15.00 -9.50
N TYR B 254 -13.84 -14.82 -8.65
CA TYR B 254 -12.78 -15.83 -8.56
C TYR B 254 -13.27 -17.18 -8.07
N ALA B 255 -14.38 -17.22 -7.31
CA ALA B 255 -14.94 -18.49 -6.82
C ALA B 255 -15.49 -19.37 -7.95
N VAL B 256 -15.75 -18.78 -9.13
CA VAL B 256 -16.31 -19.49 -10.27
C VAL B 256 -15.23 -19.96 -11.26
N HIS B 257 -15.27 -21.24 -11.65
CA HIS B 257 -14.43 -21.87 -12.68
C HIS B 257 -12.93 -21.43 -12.70
N GLY B 258 -12.31 -21.27 -11.54
CA GLY B 258 -10.90 -20.85 -11.45
C GLY B 258 -10.60 -19.61 -12.27
N LEU B 259 -11.52 -18.63 -12.23
CA LEU B 259 -11.45 -17.44 -13.05
C LEU B 259 -10.26 -16.52 -12.72
N LYS B 260 -9.51 -16.76 -11.63
CA LYS B 260 -8.29 -15.95 -11.38
C LYS B 260 -7.25 -16.18 -12.48
N ARG B 261 -7.34 -17.29 -13.25
CA ARG B 261 -6.44 -17.55 -14.37
C ARG B 261 -6.73 -16.62 -15.56
N TYR B 262 -7.96 -16.09 -15.66
CA TYR B 262 -8.40 -15.28 -16.78
C TYR B 262 -8.48 -13.80 -16.48
N VAL B 263 -8.82 -13.45 -15.23
CA VAL B 263 -9.00 -12.05 -14.89
C VAL B 263 -8.46 -11.72 -13.50
N ASN B 264 -7.94 -10.50 -13.37
CA ASN B 264 -7.55 -9.87 -12.14
C ASN B 264 -8.31 -8.54 -12.12
N LEU B 265 -9.13 -8.32 -11.09
CA LEU B 265 -9.95 -7.10 -11.02
C LEU B 265 -9.22 -5.97 -10.31
N HIS B 266 -9.23 -4.78 -10.92
CA HIS B 266 -8.58 -3.60 -10.34
C HIS B 266 -9.65 -2.53 -10.14
N PHE B 267 -10.01 -2.30 -8.88
CA PHE B 267 -11.00 -1.30 -8.54
C PHE B 267 -10.36 0.04 -8.28
N VAL B 268 -10.99 1.11 -8.79
CA VAL B 268 -10.55 2.48 -8.54
C VAL B 268 -11.80 3.28 -8.16
N LEU B 269 -11.63 4.29 -7.31
CA LEU B 269 -12.74 5.13 -6.89
C LEU B 269 -12.36 6.58 -7.11
N TYR B 270 -13.24 7.30 -7.82
CA TYR B 270 -13.15 8.75 -8.05
C TYR B 270 -14.51 9.40 -7.76
N THR B 271 -14.57 10.71 -7.72
CA THR B 271 -15.84 11.43 -7.58
C THR B 271 -16.33 11.83 -8.98
N THR B 272 -17.64 11.73 -9.25
CA THR B 272 -18.17 12.22 -10.52
C THR B 272 -19.09 13.43 -10.26
N GLU B 273 -19.25 14.28 -11.28
CA GLU B 273 -20.20 15.38 -11.21
C GLU B 273 -21.66 14.86 -11.36
N TYR B 274 -21.85 13.66 -11.92
CA TYR B 274 -23.16 13.10 -12.14
C TYR B 274 -23.87 12.78 -10.83
N ALA B 275 -25.14 13.12 -10.81
CA ALA B 275 -26.08 12.76 -9.76
C ALA B 275 -27.37 12.31 -10.45
N CYS B 276 -28.03 11.25 -9.97
CA CYS B 276 -29.30 10.76 -10.57
C CYS B 276 -30.34 11.89 -10.57
N PRO B 277 -31.04 12.11 -11.69
CA PRO B 277 -32.00 13.22 -11.74
C PRO B 277 -33.28 13.01 -10.93
N SER B 278 -33.53 11.79 -10.49
CA SER B 278 -34.69 11.46 -9.67
C SER B 278 -34.33 10.27 -8.75
N GLY B 279 -35.31 9.72 -8.04
CA GLY B 279 -35.11 8.53 -7.22
C GLY B 279 -35.18 7.25 -8.03
N ASN B 280 -35.63 7.33 -9.31
CA ASN B 280 -35.81 6.14 -10.13
C ASN B 280 -34.47 5.51 -10.58
N ALA B 281 -34.27 4.21 -10.26
CA ALA B 281 -33.03 3.52 -10.63
C ALA B 281 -32.86 3.38 -12.15
N ASP B 282 -33.93 3.05 -12.90
CA ASP B 282 -33.85 2.90 -14.37
C ASP B 282 -33.42 4.21 -15.04
N GLU B 283 -34.08 5.31 -14.68
CA GLU B 283 -33.72 6.65 -15.19
C GLU B 283 -32.30 7.04 -14.76
N GLY B 284 -31.96 6.71 -13.51
CA GLY B 284 -30.64 6.98 -12.95
C GLY B 284 -29.52 6.32 -13.72
N LEU B 285 -29.71 5.03 -14.10
CA LEU B 285 -28.71 4.28 -14.87
C LEU B 285 -28.61 4.83 -16.29
N ASP B 286 -29.74 5.22 -16.91
CA ASP B 286 -29.71 5.82 -18.26
C ASP B 286 -28.83 7.10 -18.23
N GLY B 287 -29.02 7.91 -17.21
CA GLY B 287 -28.26 9.15 -17.05
C GLY B 287 -26.80 8.89 -16.76
N PHE B 288 -26.49 7.85 -15.97
CA PHE B 288 -25.12 7.52 -15.61
C PHE B 288 -24.34 7.05 -16.84
N THR B 289 -24.91 6.12 -17.62
CA THR B 289 -24.25 5.63 -18.83
C THR B 289 -24.06 6.81 -19.82
N ALA B 290 -25.06 7.69 -19.95
CA ALA B 290 -24.92 8.87 -20.81
C ALA B 290 -23.82 9.83 -20.29
N SER B 291 -23.66 9.96 -18.96
CA SER B 291 -22.64 10.83 -18.38
C SER B 291 -21.22 10.29 -18.66
N LEU B 292 -21.06 8.97 -18.74
CA LEU B 292 -19.77 8.34 -19.05
C LEU B 292 -19.35 8.66 -20.48
N LYS B 293 -20.31 8.62 -21.41
CA LYS B 293 -20.06 8.92 -22.82
C LYS B 293 -19.71 10.39 -23.05
N ALA B 294 -20.13 11.27 -22.15
CA ALA B 294 -19.84 12.70 -22.28
C ALA B 294 -18.67 13.14 -21.36
N ASN B 295 -18.10 12.24 -20.55
CA ASN B 295 -17.04 12.55 -19.58
C ASN B 295 -15.67 12.52 -20.26
N PRO B 296 -14.97 13.67 -20.30
CA PRO B 296 -13.65 13.70 -20.97
C PRO B 296 -12.60 12.85 -20.25
N LYS B 297 -12.73 12.65 -18.93
CA LYS B 297 -11.81 11.80 -18.18
C LYS B 297 -11.94 10.33 -18.55
N ALA B 298 -13.12 9.90 -19.07
CA ALA B 298 -13.35 8.50 -19.41
C ALA B 298 -12.94 8.15 -20.85
N GLU B 299 -12.48 9.13 -21.66
CA GLU B 299 -12.07 8.89 -23.04
C GLU B 299 -10.94 7.86 -23.11
N GLY B 300 -11.13 6.82 -23.92
CA GLY B 300 -10.18 5.75 -24.05
C GLY B 300 -10.41 4.60 -23.08
N TYR B 301 -11.44 4.67 -22.23
CA TYR B 301 -11.74 3.63 -21.24
C TYR B 301 -13.17 3.11 -21.36
N ASP B 302 -13.74 3.11 -22.57
CA ASP B 302 -15.11 2.66 -22.80
C ASP B 302 -15.29 1.13 -22.67
N ASP B 303 -14.18 0.37 -22.59
CA ASP B 303 -14.18 -1.08 -22.49
C ASP B 303 -13.96 -1.59 -21.06
N GLN B 304 -14.06 -0.71 -20.05
CA GLN B 304 -13.91 -1.13 -18.65
C GLN B 304 -15.30 -1.29 -17.99
N ILE B 305 -15.35 -1.67 -16.71
CA ILE B 305 -16.61 -1.82 -15.98
C ILE B 305 -16.79 -0.61 -15.09
N TYR B 306 -18.03 -0.07 -15.01
CA TYR B 306 -18.30 1.14 -14.24
C TYR B 306 -19.43 0.97 -13.24
N PHE B 307 -19.27 1.58 -12.08
CA PHE B 307 -20.31 1.61 -11.08
C PHE B 307 -20.49 2.99 -10.52
N LEU B 308 -21.72 3.49 -10.49
CA LEU B 308 -22.04 4.70 -9.75
C LEU B 308 -22.36 4.22 -8.34
N ILE B 309 -21.70 4.74 -7.31
CA ILE B 309 -21.96 4.29 -5.94
C ILE B 309 -22.44 5.43 -5.06
N ARG B 310 -23.23 5.07 -4.08
CA ARG B 310 -23.80 5.94 -3.08
C ARG B 310 -23.93 5.12 -1.79
N TRP B 311 -24.24 5.78 -0.70
CA TRP B 311 -24.47 5.09 0.56
C TRP B 311 -25.88 4.53 0.57
N GLY B 312 -26.86 5.34 0.16
CA GLY B 312 -28.28 5.02 0.15
C GLY B 312 -28.80 4.14 -0.97
N THR B 313 -30.13 4.00 -1.04
CA THR B 313 -30.84 3.18 -2.03
C THR B 313 -31.66 4.08 -3.00
N TRP B 314 -32.29 3.48 -4.03
CA TRP B 314 -33.14 4.18 -4.98
C TRP B 314 -34.63 3.96 -4.59
N ASP B 315 -35.58 4.54 -5.34
CA ASP B 315 -37.02 4.38 -5.09
C ASP B 315 -37.41 2.90 -4.98
N ASN B 316 -38.41 2.60 -4.14
CA ASN B 316 -38.90 1.24 -3.89
C ASN B 316 -37.80 0.37 -3.25
N ASN B 317 -36.92 0.99 -2.44
CA ASN B 317 -35.80 0.37 -1.74
C ASN B 317 -34.97 -0.51 -2.67
N ILE B 318 -34.68 -0.02 -3.88
CA ILE B 318 -33.87 -0.76 -4.84
C ILE B 318 -32.40 -0.53 -4.49
N LEU B 319 -31.66 -1.61 -4.33
CA LEU B 319 -30.26 -1.59 -3.90
C LEU B 319 -29.25 -1.27 -5.00
N GLY B 320 -29.60 -1.56 -6.22
CA GLY B 320 -28.72 -1.35 -7.36
C GLY B 320 -29.37 -1.73 -8.67
N ILE B 321 -28.69 -1.51 -9.77
CA ILE B 321 -29.20 -1.81 -11.11
C ILE B 321 -28.03 -1.86 -12.09
N SER B 322 -28.12 -2.63 -13.17
CA SER B 322 -27.04 -2.69 -14.14
C SER B 322 -27.54 -3.22 -15.49
N TRP B 323 -26.73 -3.00 -16.53
CA TRP B 323 -27.03 -3.51 -17.86
C TRP B 323 -26.66 -4.97 -17.92
N LEU B 324 -27.67 -5.82 -18.14
CA LEU B 324 -27.51 -7.27 -18.21
C LEU B 324 -26.62 -7.70 -19.35
N ASN B 325 -25.63 -8.58 -19.06
CA ASN B 325 -24.77 -9.19 -20.09
C ASN B 325 -24.12 -8.12 -20.95
N SER B 326 -23.50 -7.15 -20.30
CA SER B 326 -22.91 -6.00 -20.99
C SER B 326 -21.38 -6.01 -21.03
N TYR B 327 -20.74 -7.03 -20.45
CA TYR B 327 -19.28 -7.12 -20.47
C TYR B 327 -18.84 -8.45 -20.99
N ASN B 328 -17.97 -8.42 -22.01
CA ASN B 328 -17.28 -9.57 -22.59
C ASN B 328 -15.83 -9.12 -22.81
N VAL B 329 -14.83 -9.94 -22.45
CA VAL B 329 -13.43 -9.54 -22.59
C VAL B 329 -13.02 -9.21 -24.02
N ASN B 330 -13.74 -9.74 -25.03
CA ASN B 330 -13.38 -9.50 -26.42
C ASN B 330 -14.14 -8.35 -27.06
N THR B 331 -15.38 -8.04 -26.62
CA THR B 331 -16.18 -7.03 -27.31
C THR B 331 -16.56 -5.83 -26.45
N ALA B 332 -16.07 -5.71 -25.20
CA ALA B 332 -16.44 -4.58 -24.33
C ALA B 332 -16.20 -3.23 -24.99
N SER B 333 -17.19 -2.34 -24.93
CA SER B 333 -17.13 -1.02 -25.56
C SER B 333 -18.31 -0.12 -25.16
N ASP B 334 -18.23 1.16 -25.55
CA ASP B 334 -19.27 2.19 -25.41
C ASP B 334 -19.84 2.34 -24.00
N PHE B 335 -19.05 2.03 -22.95
CA PHE B 335 -19.47 2.16 -21.56
C PHE B 335 -20.74 1.32 -21.25
N LYS B 336 -20.99 0.24 -22.03
CA LYS B 336 -22.14 -0.61 -21.83
C LYS B 336 -22.09 -1.34 -20.49
N ALA B 337 -20.89 -1.72 -20.04
CA ALA B 337 -20.73 -2.47 -18.78
C ALA B 337 -20.80 -1.51 -17.61
N SER B 338 -22.00 -0.94 -17.38
CA SER B 338 -22.17 0.02 -16.30
C SER B 338 -23.38 -0.33 -15.42
N GLY B 339 -23.28 0.09 -14.18
CA GLY B 339 -24.29 -0.16 -13.18
C GLY B 339 -24.22 0.83 -12.05
N MET B 340 -25.13 0.68 -11.10
CA MET B 340 -25.20 1.50 -9.89
C MET B 340 -25.36 0.58 -8.70
N SER B 341 -24.77 0.94 -7.56
CA SER B 341 -24.83 0.10 -6.39
C SER B 341 -24.79 0.90 -5.09
N THR B 342 -25.60 0.49 -4.11
CA THR B 342 -25.44 0.99 -2.74
C THR B 342 -24.13 0.39 -2.17
N THR B 343 -23.54 1.04 -1.17
CA THR B 343 -22.35 0.49 -0.52
C THR B 343 -22.53 0.34 0.99
N GLN B 344 -23.72 0.61 1.55
CA GLN B 344 -23.92 0.57 2.98
C GLN B 344 -23.65 -0.84 3.54
N LEU B 345 -23.07 -0.88 4.74
CA LEU B 345 -22.60 -2.10 5.40
C LEU B 345 -23.69 -3.15 5.55
N MET B 346 -24.92 -2.73 5.83
CA MET B 346 -26.02 -3.66 6.09
C MET B 346 -26.46 -4.45 4.86
N TYR B 347 -26.01 -4.10 3.67
CA TYR B 347 -26.36 -4.85 2.46
C TYR B 347 -25.12 -5.37 1.75
N PRO B 348 -24.38 -6.31 2.36
CA PRO B 348 -23.20 -6.84 1.67
C PRO B 348 -23.58 -7.61 0.41
N GLY B 349 -22.70 -7.60 -0.57
CA GLY B 349 -22.92 -8.33 -1.81
C GLY B 349 -23.72 -7.64 -2.88
N VAL B 350 -24.12 -6.36 -2.70
CA VAL B 350 -24.91 -5.69 -3.73
C VAL B 350 -24.06 -5.46 -4.97
N MET B 351 -22.83 -4.96 -4.80
CA MET B 351 -21.93 -4.77 -5.94
C MET B 351 -21.62 -6.12 -6.63
N ALA B 352 -21.47 -7.18 -5.85
CA ALA B 352 -21.19 -8.51 -6.34
C ALA B 352 -22.36 -8.99 -7.20
N HIS B 353 -23.60 -8.75 -6.74
CA HIS B 353 -24.82 -9.12 -7.46
C HIS B 353 -24.89 -8.33 -8.80
N GLU B 354 -24.63 -7.00 -8.78
CA GLU B 354 -24.67 -6.20 -9.99
C GLU B 354 -23.54 -6.54 -10.97
N LEU B 355 -22.34 -6.84 -10.45
CA LEU B 355 -21.22 -7.30 -11.27
C LEU B 355 -21.59 -8.63 -11.95
N GLY B 356 -22.27 -9.51 -11.23
CA GLY B 356 -22.75 -10.78 -11.81
C GLY B 356 -23.71 -10.54 -12.95
N HIS B 357 -24.62 -9.59 -12.77
CA HIS B 357 -25.59 -9.20 -13.79
C HIS B 357 -24.87 -8.63 -15.04
N ILE B 358 -23.88 -7.75 -14.84
CA ILE B 358 -23.08 -7.19 -15.94
C ILE B 358 -22.34 -8.33 -16.71
N LEU B 359 -21.89 -9.36 -15.98
CA LEU B 359 -21.22 -10.50 -16.60
C LEU B 359 -22.21 -11.55 -17.18
N GLY B 360 -23.51 -11.24 -17.20
CA GLY B 360 -24.50 -12.10 -17.83
C GLY B 360 -25.36 -12.96 -16.94
N ALA B 361 -25.10 -12.98 -15.62
CA ALA B 361 -25.90 -13.80 -14.71
C ALA B 361 -27.34 -13.28 -14.59
N ASN B 362 -28.29 -14.20 -14.73
CA ASN B 362 -29.72 -13.97 -14.58
C ASN B 362 -30.13 -14.26 -13.13
N HIS B 363 -31.40 -13.97 -12.78
CA HIS B 363 -31.92 -14.27 -11.45
C HIS B 363 -31.92 -15.79 -11.23
N ALA B 364 -31.45 -16.23 -10.06
CA ALA B 364 -31.40 -17.64 -9.72
C ALA B 364 -32.56 -18.02 -8.84
N ASP B 365 -32.94 -19.30 -8.87
CA ASP B 365 -34.08 -19.77 -8.07
C ASP B 365 -33.68 -20.23 -6.66
N ASP B 366 -32.40 -20.58 -6.43
CA ASP B 366 -31.97 -21.00 -5.10
C ASP B 366 -31.92 -19.79 -4.16
N PRO B 367 -32.71 -19.80 -3.05
CA PRO B 367 -32.69 -18.64 -2.13
C PRO B 367 -31.33 -18.35 -1.48
N LYS B 368 -30.38 -19.28 -1.57
CA LYS B 368 -29.03 -19.09 -1.04
C LYS B 368 -28.04 -18.58 -2.11
N ASP B 369 -28.52 -18.31 -3.32
CA ASP B 369 -27.66 -17.83 -4.38
C ASP B 369 -27.50 -16.33 -4.27
N LEU B 370 -26.31 -15.84 -4.57
CA LEU B 370 -26.04 -14.39 -4.64
C LEU B 370 -27.03 -13.71 -5.62
N MET B 371 -27.36 -14.40 -6.73
CA MET B 371 -28.24 -13.90 -7.77
C MET B 371 -29.74 -14.16 -7.53
N TYR B 372 -30.15 -14.53 -6.31
CA TYR B 372 -31.58 -14.70 -6.00
C TYR B 372 -32.26 -13.32 -6.16
N SER B 373 -33.48 -13.29 -6.73
CA SER B 373 -34.20 -12.04 -7.03
C SER B 373 -34.37 -11.12 -5.82
N LYS B 374 -34.48 -11.71 -4.61
CA LYS B 374 -34.60 -10.91 -3.40
C LYS B 374 -33.24 -10.81 -2.71
N TYR B 375 -33.02 -9.74 -1.94
CA TYR B 375 -31.77 -9.56 -1.23
C TYR B 375 -31.65 -10.64 -0.14
N THR B 376 -30.52 -11.39 -0.12
CA THR B 376 -30.36 -12.49 0.82
C THR B 376 -29.16 -12.41 1.74
N GLY B 377 -28.12 -11.69 1.35
CA GLY B 377 -26.89 -11.66 2.14
C GLY B 377 -25.87 -12.71 1.72
N TYR B 378 -26.23 -13.63 0.81
CA TYR B 378 -25.31 -14.65 0.30
C TYR B 378 -24.41 -14.06 -0.76
N LEU B 379 -23.15 -14.50 -0.80
CA LEU B 379 -22.15 -13.83 -1.62
C LEU B 379 -21.55 -14.66 -2.76
N PHE B 380 -22.12 -15.85 -3.05
CA PHE B 380 -21.55 -16.69 -4.08
C PHE B 380 -22.57 -17.19 -5.08
N HIS B 381 -22.15 -17.28 -6.34
CA HIS B 381 -22.93 -17.89 -7.40
C HIS B 381 -23.03 -19.39 -7.13
N LEU B 382 -24.25 -19.91 -7.19
CA LEU B 382 -24.52 -21.34 -7.04
C LEU B 382 -25.10 -21.93 -8.33
N SER B 383 -25.66 -21.09 -9.22
CA SER B 383 -26.26 -21.54 -10.47
C SER B 383 -25.20 -21.94 -11.47
N GLU B 384 -25.24 -23.20 -11.95
CA GLU B 384 -24.27 -23.67 -12.95
C GLU B 384 -24.44 -22.92 -14.26
N LYS B 385 -25.68 -22.59 -14.64
CA LYS B 385 -25.95 -21.84 -15.87
C LYS B 385 -25.31 -20.45 -15.77
N ASN B 386 -25.44 -19.76 -14.62
CA ASN B 386 -24.85 -18.43 -14.45
C ASN B 386 -23.34 -18.49 -14.41
N MET B 387 -22.79 -19.50 -13.74
CA MET B 387 -21.34 -19.67 -13.65
C MET B 387 -20.74 -19.89 -15.03
N ASP B 388 -21.42 -20.64 -15.91
CA ASP B 388 -20.94 -20.85 -17.27
C ASP B 388 -21.02 -19.55 -18.09
N ILE B 389 -22.11 -18.77 -17.95
CA ILE B 389 -22.25 -17.51 -18.70
C ILE B 389 -21.14 -16.51 -18.28
N ILE B 390 -20.94 -16.33 -16.97
CA ILE B 390 -19.96 -15.39 -16.45
C ILE B 390 -18.54 -15.78 -16.90
N ALA B 391 -18.18 -17.05 -16.74
CA ALA B 391 -16.86 -17.54 -17.09
C ALA B 391 -16.60 -17.43 -18.59
N LYS B 392 -17.60 -17.74 -19.44
CA LYS B 392 -17.45 -17.62 -20.88
C LYS B 392 -17.24 -16.15 -21.29
N ASN B 393 -17.91 -15.20 -20.61
CA ASN B 393 -17.72 -13.77 -20.91
C ASN B 393 -16.33 -13.27 -20.49
N LEU B 394 -15.62 -14.01 -19.61
CA LEU B 394 -14.27 -13.66 -19.18
C LEU B 394 -13.18 -14.51 -19.89
N GLY B 395 -13.55 -15.27 -20.95
CA GLY B 395 -12.62 -16.03 -21.78
C GLY B 395 -12.48 -17.50 -21.48
N TRP B 396 -13.24 -18.02 -20.53
CA TRP B 396 -13.16 -19.44 -20.15
C TRP B 396 -13.98 -20.32 -21.09
N GLU B 397 -13.57 -21.59 -21.21
CA GLU B 397 -14.23 -22.65 -21.96
C GLU B 397 -14.27 -23.92 -21.13
N ILE B 398 -15.31 -24.77 -21.31
CA ILE B 398 -15.50 -26.01 -20.56
C ILE B 398 -14.23 -26.90 -20.60
N ALA B 399 -13.57 -27.00 -21.76
CA ALA B 399 -12.36 -27.80 -21.92
C ALA B 399 -11.21 -27.36 -21.01
N ASP B 400 -11.20 -26.09 -20.60
CA ASP B 400 -10.16 -25.55 -19.72
C ASP B 400 -10.25 -26.08 -18.27
N GLY B 401 -11.42 -26.56 -17.86
CA GLY B 401 -11.63 -27.05 -16.51
C GLY B 401 -11.71 -25.94 -15.49
N ASP B 402 -11.52 -26.28 -14.21
CA ASP B 402 -11.59 -25.29 -13.14
C ASP B 402 -10.21 -25.06 -12.47
#